data_6PZN
#
_entry.id   6PZN
#
_cell.length_a   87.620
_cell.length_b   89.960
_cell.length_c   130.529
_cell.angle_alpha   90.000
_cell.angle_beta   90.000
_cell.angle_gamma   90.000
#
_symmetry.space_group_name_H-M   'P 21 21 21'
#
loop_
_entity.id
_entity.type
_entity.pdbx_description
1 polymer '3-ketoacyl-ACP reductase'
2 water water
#
_entity_poly.entity_id   1
_entity_poly.type   'polypeptide(L)'
_entity_poly.pdbx_seq_one_letter_code
;MHHHHHHSSGVDLGTENLYFQSNAMNISRKTALVTGASRGIGRAIAERLAQDGFYVIVNYAGNKAHAQATVEHIIEQGGQ
ASAIQADVANEHEVSRLFQEAKAINGRLDVVVHSAGIMPMAKITPESLPDFDKVIHTNLRGAFLILAHAAETVPDGGRII
ALSTSVIAKSFPAYGPYIASKAGVEGLVHVLANELRGRNITVNAVAPGPTGTDLFYNGKTDEQVAAIAKLAPLERIGTPD
EIAGVVAMLAGPDGRWVNSQVIRVNGGFA
;
_entity_poly.pdbx_strand_id   A,B,C,D
#
# COMPACT_ATOMS: atom_id res chain seq x y z
N SER A 22 7.29 -10.61 39.82
CA SER A 22 7.46 -11.84 39.05
C SER A 22 7.16 -11.62 37.56
N ASN A 23 7.23 -10.37 37.13
CA ASN A 23 7.43 -10.05 35.72
C ASN A 23 8.93 -10.09 35.40
N ALA A 24 9.27 -10.49 34.18
CA ALA A 24 10.66 -10.39 33.76
C ALA A 24 11.16 -8.95 33.87
N MET A 25 10.27 -7.97 33.66
CA MET A 25 10.66 -6.57 33.75
C MET A 25 11.02 -6.17 35.19
N ASN A 26 10.37 -6.77 36.18
CA ASN A 26 10.74 -6.46 37.56
C ASN A 26 11.96 -7.26 38.02
N ILE A 27 12.13 -8.47 37.49
CA ILE A 27 13.30 -9.28 37.86
C ILE A 27 14.57 -8.66 37.32
N SER A 28 14.62 -8.36 36.02
CA SER A 28 15.75 -7.66 35.41
C SER A 28 15.20 -6.51 34.57
N ARG A 29 15.43 -5.28 35.05
CA ARG A 29 14.80 -4.10 34.45
C ARG A 29 15.43 -3.76 33.10
N LYS A 30 14.59 -3.58 32.09
CA LYS A 30 15.05 -3.18 30.78
C LYS A 30 15.25 -1.67 30.73
N THR A 31 16.05 -1.22 29.76
CA THR A 31 16.32 0.20 29.54
C THR A 31 15.90 0.60 28.13
N ALA A 32 15.27 1.78 28.03
CA ALA A 32 14.79 2.32 26.76
C ALA A 32 15.37 3.72 26.54
N LEU A 33 15.90 3.96 25.34
CA LEU A 33 16.34 5.28 24.93
C LEU A 33 15.25 5.90 24.05
N VAL A 34 14.82 7.12 24.39
CA VAL A 34 13.83 7.83 23.59
C VAL A 34 14.43 9.15 23.12
N THR A 35 14.57 9.32 21.79
CA THR A 35 14.97 10.63 21.27
C THR A 35 13.75 11.53 21.15
N GLY A 36 13.98 12.84 21.20
CA GLY A 36 12.90 13.81 21.15
C GLY A 36 11.96 13.74 22.32
N ALA A 37 12.45 13.30 23.48
CA ALA A 37 11.59 12.97 24.62
C ALA A 37 11.28 14.16 25.51
N SER A 38 11.75 15.36 25.18
CA SER A 38 11.49 16.46 26.09
C SER A 38 10.08 17.02 25.95
N ARG A 39 9.40 16.80 24.81
CA ARG A 39 8.07 17.34 24.63
C ARG A 39 7.25 16.44 23.70
N GLY A 40 5.97 16.74 23.58
CA GLY A 40 5.03 16.15 22.66
C GLY A 40 4.97 14.64 22.74
N ILE A 41 4.95 14.01 21.54
CA ILE A 41 4.78 12.57 21.47
C ILE A 41 5.95 11.85 22.12
N GLY A 42 7.17 12.35 21.93
CA GLY A 42 8.33 11.74 22.57
C GLY A 42 8.25 11.75 24.08
N ARG A 43 7.80 12.89 24.67
CA ARG A 43 7.59 12.91 26.12
C ARG A 43 6.56 11.87 26.52
N ALA A 44 5.42 11.83 25.81
CA ALA A 44 4.37 10.88 26.17
C ALA A 44 4.88 9.43 26.09
N ILE A 45 5.73 9.15 25.10
CA ILE A 45 6.35 7.84 24.97
C ILE A 45 7.24 7.54 26.16
N ALA A 46 8.13 8.49 26.50
CA ALA A 46 9.03 8.33 27.63
C ALA A 46 8.25 8.01 28.91
N GLU A 47 7.17 8.75 29.16
CA GLU A 47 6.36 8.53 30.36
C GLU A 47 5.68 7.17 30.34
N ARG A 48 5.14 6.79 29.18
CA ARG A 48 4.45 5.51 29.10
C ARG A 48 5.42 4.35 29.31
N LEU A 49 6.59 4.41 28.67
CA LEU A 49 7.56 3.33 28.83
C LEU A 49 8.05 3.24 30.26
N ALA A 50 8.22 4.40 30.92
CA ALA A 50 8.56 4.37 32.33
C ALA A 50 7.46 3.70 33.15
N GLN A 51 6.19 4.02 32.88
CA GLN A 51 5.13 3.38 33.66
C GLN A 51 5.06 1.87 33.39
N ASP A 52 5.44 1.43 32.18
CA ASP A 52 5.55 0.00 31.88
C ASP A 52 6.77 -0.63 32.56
N GLY A 53 7.62 0.15 33.23
CA GLY A 53 8.74 -0.42 33.96
C GLY A 53 10.11 -0.22 33.36
N PHE A 54 10.22 0.40 32.19
CA PHE A 54 11.54 0.71 31.64
C PHE A 54 12.22 1.83 32.43
N TYR A 55 13.52 1.68 32.66
CA TYR A 55 14.35 2.86 32.87
C TYR A 55 14.46 3.61 31.54
N VAL A 56 14.15 4.91 31.56
CA VAL A 56 14.07 5.70 30.33
C VAL A 56 15.20 6.73 30.30
N ILE A 57 15.95 6.73 29.19
CA ILE A 57 16.88 7.81 28.88
C ILE A 57 16.15 8.80 27.99
N VAL A 58 15.89 9.98 28.55
CA VAL A 58 15.24 11.10 27.90
C VAL A 58 16.32 11.84 27.13
N ASN A 59 16.40 11.62 25.82
CA ASN A 59 17.38 12.33 24.99
C ASN A 59 16.77 13.61 24.45
N TYR A 60 17.60 14.65 24.39
CA TYR A 60 17.14 15.97 23.99
C TYR A 60 18.28 16.69 23.30
N ALA A 61 17.92 17.79 22.63
CA ALA A 61 18.85 18.51 21.78
C ALA A 61 19.29 19.84 22.36
N GLY A 62 18.35 20.67 22.81
CA GLY A 62 18.70 22.02 23.20
C GLY A 62 18.70 22.26 24.68
N ASN A 63 17.79 23.12 25.13
CA ASN A 63 17.69 23.47 26.53
C ASN A 63 17.12 22.30 27.33
N LYS A 64 17.67 22.09 28.54
CA LYS A 64 17.39 20.89 29.32
C LYS A 64 16.12 21.00 30.17
N ALA A 65 15.51 22.18 30.27
CA ALA A 65 14.43 22.37 31.23
C ALA A 65 13.27 21.42 30.97
N HIS A 66 12.88 21.25 29.71
CA HIS A 66 11.78 20.34 29.41
C HIS A 66 12.21 18.89 29.61
N ALA A 67 13.42 18.53 29.21
CA ALA A 67 13.89 17.17 29.42
C ALA A 67 13.95 16.85 30.92
N GLN A 68 14.45 17.79 31.72
CA GLN A 68 14.46 17.59 33.16
C GLN A 68 13.04 17.52 33.72
N ALA A 69 12.11 18.27 33.13
CA ALA A 69 10.72 18.16 33.58
C ALA A 69 10.17 16.77 33.31
N THR A 70 10.50 16.20 32.14
CA THR A 70 10.08 14.84 31.82
C THR A 70 10.67 13.84 32.81
N VAL A 71 11.97 13.94 33.08
CA VAL A 71 12.63 13.06 34.03
C VAL A 71 11.97 13.16 35.40
N GLU A 72 11.74 14.38 35.86
CA GLU A 72 11.17 14.57 37.19
C GLU A 72 9.75 14.05 37.26
N HIS A 73 8.95 14.21 36.20
CA HIS A 73 7.62 13.62 36.22
C HIS A 73 7.70 12.10 36.28
N ILE A 74 8.61 11.51 35.50
CA ILE A 74 8.75 10.05 35.51
C ILE A 74 9.08 9.57 36.92
N ILE A 75 10.00 10.25 37.58
CA ILE A 75 10.43 9.81 38.91
C ILE A 75 9.33 10.03 39.93
N GLU A 76 8.60 11.13 39.82
CA GLU A 76 7.51 11.40 40.76
C GLU A 76 6.41 10.36 40.65
N GLN A 77 6.23 9.74 39.48
CA GLN A 77 5.24 8.69 39.32
C GLN A 77 5.79 7.32 39.70
N GLY A 78 6.95 7.27 40.35
CA GLY A 78 7.54 6.02 40.75
C GLY A 78 8.42 5.35 39.73
N GLY A 79 8.86 6.07 38.70
CA GLY A 79 9.70 5.51 37.66
C GLY A 79 11.17 5.81 37.86
N GLN A 80 11.97 5.45 36.84
CA GLN A 80 13.40 5.71 36.83
C GLN A 80 13.76 6.30 35.47
N ALA A 81 14.55 7.37 35.47
CA ALA A 81 14.90 8.00 34.20
C ALA A 81 16.04 8.97 34.43
N SER A 82 16.75 9.27 33.34
CA SER A 82 17.69 10.39 33.34
C SER A 82 17.76 10.93 31.92
N ALA A 83 18.38 12.10 31.77
CA ALA A 83 18.41 12.78 30.47
C ALA A 83 19.83 12.88 29.93
N ILE A 84 19.95 12.81 28.61
CA ILE A 84 21.22 13.00 27.91
C ILE A 84 21.02 13.94 26.73
N GLN A 85 21.86 14.98 26.67
CA GLN A 85 21.86 15.93 25.56
C GLN A 85 22.67 15.39 24.38
N ALA A 86 22.07 15.39 23.20
CA ALA A 86 22.81 15.00 22.00
C ALA A 86 22.00 15.41 20.79
N ASP A 87 22.66 15.99 19.79
CA ASP A 87 22.05 16.26 18.51
C ASP A 87 22.04 14.96 17.72
N VAL A 88 20.86 14.37 17.53
CA VAL A 88 20.73 13.09 16.84
C VAL A 88 21.20 13.17 15.38
N ALA A 89 21.27 14.37 14.80
CA ALA A 89 21.72 14.55 13.43
C ALA A 89 23.23 14.75 13.31
N ASN A 90 23.96 14.81 14.41
CA ASN A 90 25.41 14.94 14.38
C ASN A 90 26.01 13.57 14.70
N GLU A 91 26.92 13.09 13.86
CA GLU A 91 27.34 11.70 14.01
C GLU A 91 28.18 11.50 15.28
N HIS A 92 29.04 12.46 15.62
CA HIS A 92 29.86 12.29 16.82
C HIS A 92 29.01 12.33 18.08
N GLU A 93 28.05 13.26 18.13
CA GLU A 93 27.15 13.32 19.27
C GLU A 93 26.28 12.07 19.38
N VAL A 94 25.91 11.44 18.26
CA VAL A 94 25.12 10.21 18.34
C VAL A 94 25.96 9.05 18.87
N SER A 95 27.20 8.92 18.40
CA SER A 95 28.08 7.90 18.95
C SER A 95 28.22 8.07 20.47
N ARG A 96 28.44 9.32 20.90
CA ARG A 96 28.56 9.59 22.34
C ARG A 96 27.27 9.27 23.08
N LEU A 97 26.12 9.64 22.49
CA LEU A 97 24.84 9.34 23.12
C LEU A 97 24.69 7.86 23.39
N PHE A 98 25.03 7.02 22.41
CA PHE A 98 24.80 5.60 22.61
C PHE A 98 25.78 5.02 23.63
N GLN A 99 27.04 5.46 23.60
CA GLN A 99 27.99 5.08 24.65
C GLN A 99 27.45 5.41 26.05
N GLU A 100 27.04 6.67 26.25
CA GLU A 100 26.58 7.11 27.58
C GLU A 100 25.28 6.41 28.01
N ALA A 101 24.33 6.30 27.08
CA ALA A 101 23.06 5.64 27.36
C ALA A 101 23.26 4.19 27.77
N LYS A 102 24.06 3.45 27.00
CA LYS A 102 24.28 2.05 27.38
C LYS A 102 25.06 1.94 28.68
N ALA A 103 25.97 2.88 28.95
CA ALA A 103 26.77 2.81 30.16
C ALA A 103 25.96 3.04 31.43
N ILE A 104 24.81 3.71 31.34
CA ILE A 104 23.99 3.91 32.54
C ILE A 104 23.69 2.58 33.25
N ASN A 105 23.05 1.65 32.55
CA ASN A 105 22.66 0.38 33.14
C ASN A 105 23.38 -0.81 32.53
N GLY A 106 24.34 -0.57 31.63
CA GLY A 106 25.00 -1.67 30.96
C GLY A 106 24.19 -2.35 29.89
N ARG A 107 23.04 -1.78 29.51
CA ARG A 107 22.19 -2.40 28.52
C ARG A 107 21.32 -1.33 27.88
N LEU A 108 20.86 -1.62 26.65
CA LEU A 108 20.00 -0.72 25.89
C LEU A 108 18.99 -1.61 25.16
N ASP A 109 17.85 -1.87 25.81
CA ASP A 109 16.93 -2.85 25.29
C ASP A 109 16.07 -2.30 24.17
N VAL A 110 15.57 -1.08 24.33
CA VAL A 110 14.63 -0.52 23.36
C VAL A 110 15.13 0.85 22.92
N VAL A 111 14.97 1.15 21.63
CA VAL A 111 15.31 2.47 21.11
C VAL A 111 14.08 3.00 20.37
N VAL A 112 13.61 4.17 20.78
CA VAL A 112 12.51 4.85 20.11
C VAL A 112 13.04 6.17 19.58
N HIS A 113 12.96 6.35 18.26
CA HIS A 113 13.37 7.59 17.61
C HIS A 113 12.14 8.43 17.30
N SER A 114 11.96 9.52 18.05
CA SER A 114 10.82 10.40 17.84
C SER A 114 11.21 11.83 17.48
N ALA A 115 12.50 12.15 17.47
CA ALA A 115 12.93 13.51 17.15
C ALA A 115 12.71 13.80 15.67
N GLY A 116 12.30 15.04 15.37
CA GLY A 116 12.19 15.45 13.98
C GLY A 116 11.52 16.82 13.88
N ILE A 117 11.58 17.37 12.66
CA ILE A 117 10.99 18.67 12.35
C ILE A 117 10.04 18.55 11.16
N MET A 118 9.09 19.48 11.09
CA MET A 118 8.09 19.51 10.02
C MET A 118 7.85 20.93 9.53
N PRO A 119 8.82 21.53 8.85
CA PRO A 119 8.54 22.81 8.18
C PRO A 119 7.80 22.61 6.87
N MET A 120 7.09 23.66 6.47
CA MET A 120 6.39 23.70 5.19
C MET A 120 7.30 24.32 4.14
N ALA A 121 7.44 23.66 3.00
CA ALA A 121 8.22 24.20 1.89
C ALA A 121 7.80 23.51 0.59
N LYS A 122 7.34 24.30 -0.38
CA LYS A 122 6.97 23.75 -1.69
C LYS A 122 8.20 23.24 -2.43
N ILE A 123 7.95 22.42 -3.46
CA ILE A 123 9.02 21.88 -4.27
C ILE A 123 9.42 22.94 -5.31
N THR A 124 10.36 23.79 -4.94
CA THR A 124 10.81 24.92 -5.73
C THR A 124 12.27 25.15 -5.42
N PRO A 125 13.03 25.81 -6.32
CA PRO A 125 14.45 26.07 -5.99
C PRO A 125 14.63 26.86 -4.70
N GLU A 126 13.71 27.79 -4.42
CA GLU A 126 13.80 28.60 -3.19
C GLU A 126 13.78 27.73 -1.94
N SER A 127 13.16 26.55 -2.00
CA SER A 127 13.09 25.65 -0.84
C SER A 127 14.33 24.80 -0.64
N LEU A 128 15.38 24.93 -1.46
CA LEU A 128 16.54 24.05 -1.26
C LEU A 128 17.14 24.09 0.14
N PRO A 129 17.26 25.23 0.84
CA PRO A 129 17.82 25.16 2.21
C PRO A 129 16.96 24.31 3.14
N ASP A 130 15.64 24.57 3.13
CA ASP A 130 14.69 23.79 3.92
C ASP A 130 14.82 22.29 3.63
N PHE A 131 14.77 21.93 2.35
CA PHE A 131 14.93 20.53 2.00
C PHE A 131 16.20 19.97 2.62
N ASP A 132 17.34 20.65 2.43
CA ASP A 132 18.58 20.12 2.96
C ASP A 132 18.48 19.95 4.47
N LYS A 133 17.83 20.91 5.14
CA LYS A 133 17.74 20.82 6.60
C LYS A 133 16.84 19.66 6.99
N VAL A 134 15.69 19.51 6.31
CA VAL A 134 14.76 18.47 6.71
C VAL A 134 15.39 17.10 6.51
N ILE A 135 15.93 16.87 5.32
CA ILE A 135 16.62 15.61 5.06
C ILE A 135 17.71 15.39 6.10
N HIS A 136 18.46 16.44 6.44
CA HIS A 136 19.55 16.26 7.39
C HIS A 136 19.01 15.84 8.75
N THR A 137 17.97 16.54 9.22
CA THR A 137 17.51 16.31 10.58
C THR A 137 16.72 15.02 10.68
N ASN A 138 15.80 14.81 9.74
CA ASN A 138 14.86 13.70 9.86
C ASN A 138 15.38 12.40 9.27
N LEU A 139 15.99 12.46 8.09
CA LEU A 139 16.39 11.23 7.41
C LEU A 139 17.79 10.78 7.84
N ARG A 140 18.79 11.65 7.67
CA ARG A 140 20.13 11.29 8.14
C ARG A 140 20.11 11.03 9.64
N GLY A 141 19.43 11.89 10.40
CA GLY A 141 19.26 11.64 11.82
C GLY A 141 18.70 10.26 12.08
N ALA A 142 17.63 9.88 11.37
CA ALA A 142 17.05 8.56 11.60
C ALA A 142 18.06 7.47 11.24
N PHE A 143 18.79 7.67 10.14
CA PHE A 143 19.82 6.69 9.80
C PHE A 143 20.78 6.50 10.98
N LEU A 144 21.27 7.61 11.53
CA LEU A 144 22.28 7.51 12.58
C LEU A 144 21.72 6.77 13.78
N ILE A 145 20.46 7.06 14.15
CA ILE A 145 19.90 6.39 15.31
C ILE A 145 19.70 4.90 15.01
N LEU A 146 19.11 4.61 13.84
CA LEU A 146 18.81 3.21 13.54
C LEU A 146 20.09 2.40 13.49
N ALA A 147 21.10 2.92 12.77
CA ALA A 147 22.38 2.25 12.68
C ALA A 147 22.99 2.02 14.06
N HIS A 148 23.00 3.07 14.90
CA HIS A 148 23.62 2.86 16.21
C HIS A 148 22.79 1.90 17.04
N ALA A 149 21.45 1.98 16.92
CA ALA A 149 20.63 1.04 17.66
C ALA A 149 20.90 -0.37 17.19
N ALA A 150 21.09 -0.57 15.87
CA ALA A 150 21.35 -1.92 15.40
C ALA A 150 22.64 -2.46 15.97
N GLU A 151 23.59 -1.57 16.27
CA GLU A 151 24.86 -1.98 16.84
C GLU A 151 24.78 -2.25 18.33
N THR A 152 23.82 -1.65 19.04
CA THR A 152 23.86 -1.64 20.49
C THR A 152 22.79 -2.50 21.14
N VAL A 153 21.64 -2.63 20.49
CA VAL A 153 20.50 -3.33 21.10
C VAL A 153 20.83 -4.81 21.22
N PRO A 154 20.43 -5.50 22.29
CA PRO A 154 20.66 -6.94 22.39
C PRO A 154 19.66 -7.72 21.56
N ASP A 155 19.98 -8.98 21.34
CA ASP A 155 19.00 -9.92 20.81
C ASP A 155 17.73 -9.87 21.66
N GLY A 156 16.58 -9.84 21.00
CA GLY A 156 15.32 -9.64 21.71
C GLY A 156 14.92 -8.19 21.88
N GLY A 157 15.78 -7.25 21.52
CA GLY A 157 15.46 -5.84 21.67
C GLY A 157 14.45 -5.35 20.64
N ARG A 158 14.12 -4.05 20.74
CA ARG A 158 13.09 -3.41 19.91
C ARG A 158 13.59 -2.07 19.41
N ILE A 159 13.39 -1.81 18.11
CA ILE A 159 13.71 -0.52 17.49
C ILE A 159 12.43 0.03 16.86
N ILE A 160 12.07 1.26 17.22
CA ILE A 160 10.80 1.86 16.82
C ILE A 160 11.09 3.29 16.35
N ALA A 161 10.70 3.61 15.12
CA ALA A 161 10.84 4.98 14.62
C ALA A 161 9.47 5.61 14.47
N LEU A 162 9.43 6.94 14.61
CA LEU A 162 8.23 7.71 14.34
C LEU A 162 8.21 8.15 12.87
N SER A 163 7.16 7.78 12.15
CA SER A 163 6.92 8.29 10.80
C SER A 163 5.77 9.30 10.86
N THR A 164 4.93 9.35 9.83
CA THR A 164 3.82 10.29 9.81
C THR A 164 2.71 9.77 8.91
N SER A 165 1.45 9.96 9.34
CA SER A 165 0.32 9.58 8.51
C SER A 165 0.16 10.48 7.28
N VAL A 166 0.74 11.68 7.29
CA VAL A 166 0.51 12.62 6.20
C VAL A 166 1.10 12.14 4.88
N ILE A 167 1.93 11.08 4.92
CA ILE A 167 2.42 10.47 3.68
C ILE A 167 1.26 10.11 2.78
N ALA A 168 0.14 9.67 3.38
CA ALA A 168 -0.99 9.27 2.55
C ALA A 168 -1.64 10.45 1.84
N LYS A 169 -1.44 11.67 2.32
CA LYS A 169 -2.20 12.82 1.82
C LYS A 169 -1.45 13.65 0.78
N SER A 170 -0.12 13.64 0.80
CA SER A 170 0.71 14.35 -0.19
C SER A 170 0.32 15.82 -0.33
N PHE A 171 0.04 16.46 0.80
CA PHE A 171 -0.39 17.86 0.80
C PHE A 171 0.69 18.77 0.23
N PRO A 172 0.31 19.83 -0.48
CA PRO A 172 1.28 20.85 -0.86
C PRO A 172 2.09 21.35 0.35
N ALA A 173 3.38 21.57 0.14
CA ALA A 173 4.39 22.06 1.09
C ALA A 173 4.91 20.96 2.01
N TYR A 174 4.38 19.74 1.97
CA TYR A 174 4.86 18.65 2.79
C TYR A 174 5.90 17.78 2.09
N GLY A 175 6.35 18.19 0.90
CA GLY A 175 7.26 17.39 0.11
C GLY A 175 8.53 16.98 0.84
N PRO A 176 9.33 17.94 1.29
CA PRO A 176 10.54 17.56 2.03
C PRO A 176 10.26 16.68 3.24
N TYR A 177 9.23 17.03 4.03
CA TYR A 177 8.90 16.25 5.22
C TYR A 177 8.51 14.82 4.85
N ILE A 178 7.58 14.68 3.89
CA ILE A 178 7.13 13.36 3.45
C ILE A 178 8.30 12.57 2.86
N ALA A 179 9.17 13.21 2.06
CA ALA A 179 10.32 12.48 1.52
C ALA A 179 11.20 11.94 2.64
N SER A 180 11.47 12.76 3.66
CA SER A 180 12.29 12.30 4.79
C SER A 180 11.65 11.12 5.52
N LYS A 181 10.33 11.19 5.77
CA LYS A 181 9.72 10.11 6.55
C LYS A 181 9.49 8.84 5.71
N ALA A 182 9.18 8.99 4.42
CA ALA A 182 9.16 7.81 3.55
C ALA A 182 10.52 7.13 3.55
N GLY A 183 11.59 7.93 3.53
CA GLY A 183 12.92 7.35 3.67
C GLY A 183 13.11 6.60 4.98
N VAL A 184 12.64 7.19 6.08
CA VAL A 184 12.74 6.48 7.38
C VAL A 184 12.02 5.13 7.30
N GLU A 185 10.84 5.11 6.71
CA GLU A 185 10.11 3.83 6.61
C GLU A 185 10.89 2.81 5.78
N GLY A 186 11.52 3.26 4.69
CA GLY A 186 12.35 2.36 3.91
C GLY A 186 13.48 1.76 4.73
N LEU A 187 14.18 2.61 5.51
CA LEU A 187 15.24 2.10 6.37
C LEU A 187 14.67 1.11 7.38
N VAL A 188 13.45 1.36 7.88
CA VAL A 188 12.86 0.46 8.88
C VAL A 188 12.70 -0.95 8.33
N HIS A 189 12.11 -1.05 7.13
CA HIS A 189 11.90 -2.36 6.52
C HIS A 189 13.22 -3.06 6.19
N VAL A 190 14.20 -2.31 5.64
CA VAL A 190 15.48 -2.94 5.33
C VAL A 190 16.15 -3.43 6.61
N LEU A 191 16.13 -2.61 7.67
CA LEU A 191 16.79 -3.02 8.92
C LEU A 191 16.13 -4.24 9.53
N ALA A 192 14.79 -4.33 9.44
CA ALA A 192 14.14 -5.55 9.93
C ALA A 192 14.73 -6.77 9.25
N ASN A 193 15.06 -6.64 7.94
CA ASN A 193 15.66 -7.78 7.27
C ASN A 193 17.13 -7.98 7.62
N GLU A 194 17.90 -6.89 7.77
CA GLU A 194 19.32 -6.98 8.11
C GLU A 194 19.55 -7.60 9.49
N LEU A 195 18.54 -7.58 10.36
CA LEU A 195 18.70 -8.10 11.71
C LEU A 195 18.16 -9.51 11.87
N ARG A 196 17.83 -10.17 10.76
CA ARG A 196 17.53 -11.60 10.77
C ARG A 196 18.54 -12.38 11.61
N GLY A 197 18.03 -13.26 12.47
CA GLY A 197 18.88 -14.04 13.32
C GLY A 197 19.09 -13.48 14.71
N ARG A 198 18.80 -12.19 14.92
CA ARG A 198 19.00 -11.53 16.21
C ARG A 198 17.73 -11.41 17.03
N ASN A 199 16.56 -11.70 16.46
CA ASN A 199 15.30 -11.58 17.19
C ASN A 199 15.07 -10.14 17.65
N ILE A 200 15.28 -9.20 16.74
CA ILE A 200 15.03 -7.78 17.00
C ILE A 200 13.96 -7.32 16.02
N THR A 201 12.86 -6.78 16.55
CA THR A 201 11.88 -6.18 15.64
C THR A 201 12.21 -4.72 15.38
N VAL A 202 11.88 -4.27 14.17
CA VAL A 202 12.01 -2.87 13.76
C VAL A 202 10.68 -2.44 13.17
N ASN A 203 10.07 -1.41 13.73
CA ASN A 203 8.74 -0.98 13.34
C ASN A 203 8.68 0.53 13.34
N ALA A 204 7.61 1.09 12.77
CA ALA A 204 7.39 2.52 12.85
C ALA A 204 5.96 2.79 13.26
N VAL A 205 5.76 3.95 13.85
CA VAL A 205 4.42 4.42 14.21
C VAL A 205 4.23 5.77 13.55
N ALA A 206 3.12 5.93 12.83
CA ALA A 206 2.87 7.10 11.99
C ALA A 206 1.62 7.78 12.51
N PRO A 207 1.76 8.76 13.40
CA PRO A 207 0.59 9.49 13.90
C PRO A 207 0.08 10.50 12.90
N GLY A 208 -1.22 10.82 13.03
CA GLY A 208 -1.76 12.00 12.39
C GLY A 208 -1.58 13.16 13.33
N PRO A 209 -2.37 14.22 13.16
CA PRO A 209 -2.25 15.36 14.08
C PRO A 209 -2.60 14.91 15.49
N THR A 210 -1.86 15.45 16.47
CA THR A 210 -1.92 15.00 17.85
C THR A 210 -1.97 16.23 18.76
N GLY A 211 -2.66 16.10 19.90
CA GLY A 211 -2.91 17.21 20.80
C GLY A 211 -1.73 17.61 21.66
N THR A 212 -0.59 17.86 21.04
CA THR A 212 0.60 18.35 21.72
C THR A 212 0.49 19.84 22.00
N ASP A 213 1.36 20.34 22.89
CA ASP A 213 1.45 21.77 23.10
C ASP A 213 1.67 22.50 21.78
N LEU A 214 2.54 21.96 20.95
CA LEU A 214 2.87 22.58 19.67
C LEU A 214 1.68 22.61 18.73
N PHE A 215 0.86 21.55 18.75
CA PHE A 215 -0.35 21.55 17.93
C PHE A 215 -1.31 22.65 18.37
N TYR A 216 -1.55 22.74 19.67
CA TYR A 216 -2.59 23.64 20.16
C TYR A 216 -2.15 25.09 20.10
N ASN A 217 -0.85 25.36 20.23
CA ASN A 217 -0.39 26.72 20.55
C ASN A 217 -0.88 27.75 19.52
N GLY A 218 -0.65 27.48 18.24
CA GLY A 218 -0.98 28.55 17.30
C GLY A 218 -2.43 28.64 16.86
N LYS A 219 -3.29 27.70 17.25
CA LYS A 219 -4.59 27.51 16.62
C LYS A 219 -5.72 28.09 17.45
N THR A 220 -6.74 28.63 16.78
CA THR A 220 -7.96 29.07 17.42
C THR A 220 -8.86 27.86 17.71
N ASP A 221 -9.83 28.05 18.61
CA ASP A 221 -10.78 26.97 18.91
C ASP A 221 -11.49 26.47 17.66
N GLU A 222 -11.84 27.38 16.74
CA GLU A 222 -12.49 26.99 15.49
C GLU A 222 -11.56 26.13 14.63
N GLN A 223 -10.28 26.50 14.55
CA GLN A 223 -9.32 25.71 13.77
C GLN A 223 -9.11 24.34 14.40
N VAL A 224 -9.04 24.28 15.73
CA VAL A 224 -8.95 22.98 16.40
C VAL A 224 -10.19 22.13 16.08
N ALA A 225 -11.38 22.73 16.14
CA ALA A 225 -12.60 21.95 15.86
C ALA A 225 -12.61 21.44 14.43
N ALA A 226 -12.13 22.27 13.48
CA ALA A 226 -12.05 21.82 12.09
C ALA A 226 -11.12 20.63 11.96
N ILE A 227 -9.98 20.65 12.67
CA ILE A 227 -9.10 19.49 12.63
C ILE A 227 -9.78 18.28 13.27
N ALA A 228 -10.48 18.49 14.39
CA ALA A 228 -11.15 17.38 15.06
C ALA A 228 -12.11 16.68 14.10
N LYS A 229 -12.82 17.45 13.28
CA LYS A 229 -13.80 16.87 12.36
C LYS A 229 -13.18 16.01 11.26
N LEU A 230 -11.85 16.05 11.06
CA LEU A 230 -11.28 15.28 9.96
C LEU A 230 -11.40 13.78 10.21
N ALA A 231 -11.18 13.33 11.45
CA ALA A 231 -11.29 11.91 11.74
C ALA A 231 -12.75 11.51 11.97
N PRO A 232 -13.14 10.29 11.58
CA PRO A 232 -14.49 9.82 11.91
C PRO A 232 -14.78 9.85 13.41
N LEU A 233 -13.74 9.74 14.24
CA LEU A 233 -13.92 9.80 15.70
C LEU A 233 -14.17 11.22 16.21
N GLU A 234 -13.95 12.24 15.37
CA GLU A 234 -14.37 13.62 15.62
C GLU A 234 -13.84 14.17 16.95
N ARG A 235 -12.54 14.00 17.15
CA ARG A 235 -11.85 14.68 18.23
C ARG A 235 -10.37 14.78 17.84
N ILE A 236 -9.59 15.42 18.70
CA ILE A 236 -8.15 15.49 18.56
C ILE A 236 -7.55 14.30 19.30
N GLY A 237 -6.75 13.49 18.61
CA GLY A 237 -6.06 12.41 19.29
C GLY A 237 -4.97 12.92 20.22
N THR A 238 -4.72 12.17 21.30
CA THR A 238 -3.79 12.66 22.31
C THR A 238 -2.43 12.02 22.16
N PRO A 239 -1.37 12.66 22.68
CA PRO A 239 -0.03 12.04 22.63
C PRO A 239 0.03 10.68 23.33
N ASP A 240 -0.71 10.52 24.43
CA ASP A 240 -0.74 9.21 25.10
C ASP A 240 -1.33 8.13 24.21
N GLU A 241 -2.27 8.49 23.33
CA GLU A 241 -2.84 7.51 22.41
C GLU A 241 -1.83 7.04 21.36
N ILE A 242 -0.85 7.88 21.00
CA ILE A 242 0.25 7.42 20.17
C ILE A 242 1.17 6.52 20.99
N ALA A 243 1.48 6.98 22.21
CA ALA A 243 2.45 6.28 23.04
C ALA A 243 1.99 4.88 23.38
N GLY A 244 0.68 4.66 23.51
CA GLY A 244 0.19 3.31 23.80
C GLY A 244 0.56 2.31 22.70
N VAL A 245 0.49 2.76 21.43
CA VAL A 245 0.85 1.85 20.35
C VAL A 245 2.34 1.57 20.37
N VAL A 246 3.15 2.62 20.59
CA VAL A 246 4.59 2.41 20.74
C VAL A 246 4.87 1.44 21.90
N ALA A 247 4.16 1.61 23.01
CA ALA A 247 4.36 0.71 24.15
C ALA A 247 4.03 -0.73 23.78
N MET A 248 2.96 -0.94 22.99
CA MET A 248 2.67 -2.30 22.54
C MET A 248 3.86 -2.86 21.77
N LEU A 249 4.43 -2.06 20.86
CA LEU A 249 5.57 -2.57 20.09
C LEU A 249 6.78 -2.86 20.97
N ALA A 250 6.96 -2.09 22.06
CA ALA A 250 8.13 -2.26 22.89
C ALA A 250 8.05 -3.45 23.84
N GLY A 251 6.88 -4.02 24.05
CA GLY A 251 6.72 -5.04 25.07
C GLY A 251 6.24 -6.38 24.57
N PRO A 252 5.70 -7.20 25.49
CA PRO A 252 5.35 -8.59 25.14
C PRO A 252 4.30 -8.76 24.04
N ASP A 253 3.29 -7.88 23.99
CA ASP A 253 2.26 -8.06 22.98
C ASP A 253 2.74 -7.75 21.57
N GLY A 254 3.90 -7.11 21.41
CA GLY A 254 4.43 -6.76 20.11
C GLY A 254 5.49 -7.71 19.57
N ARG A 255 5.64 -8.89 20.17
CA ARG A 255 6.72 -9.81 19.83
C ARG A 255 6.69 -10.25 18.38
N TRP A 256 5.50 -10.37 17.79
CA TRP A 256 5.37 -10.88 16.44
C TRP A 256 5.03 -9.78 15.44
N VAL A 257 5.09 -8.51 15.84
CA VAL A 257 4.95 -7.38 14.93
C VAL A 257 6.35 -6.96 14.51
N ASN A 258 6.63 -6.98 13.19
CA ASN A 258 7.97 -6.71 12.68
C ASN A 258 7.90 -6.16 11.26
N SER A 259 8.68 -5.09 11.00
CA SER A 259 8.71 -4.36 9.71
C SER A 259 7.34 -3.76 9.37
N GLN A 260 6.62 -3.27 10.38
CA GLN A 260 5.30 -2.69 10.13
C GLN A 260 5.36 -1.19 10.38
N VAL A 261 4.51 -0.46 9.66
CA VAL A 261 4.24 0.95 9.93
C VAL A 261 2.78 1.04 10.36
N ILE A 262 2.53 1.30 11.64
CA ILE A 262 1.16 1.38 12.16
C ILE A 262 0.75 2.84 12.19
N ARG A 263 -0.22 3.20 11.36
CA ARG A 263 -0.76 4.55 11.34
C ARG A 263 -1.79 4.72 12.46
N VAL A 264 -1.62 5.76 13.26
CA VAL A 264 -2.46 6.02 14.44
C VAL A 264 -3.02 7.43 14.26
N ASN A 265 -4.22 7.50 13.72
CA ASN A 265 -4.72 8.78 13.21
C ASN A 265 -6.23 8.90 13.37
N GLY A 266 -6.87 8.03 14.15
CA GLY A 266 -8.29 8.16 14.37
C GLY A 266 -9.14 7.82 13.18
N GLY A 267 -8.56 7.28 12.10
CA GLY A 267 -9.30 7.03 10.88
C GLY A 267 -9.18 8.11 9.82
N PHE A 268 -8.38 9.14 10.07
CA PHE A 268 -8.13 10.18 9.08
C PHE A 268 -6.99 9.78 8.14
N SER B 28 8.64 25.64 -33.51
CA SER B 28 9.02 25.06 -32.21
C SER B 28 8.70 23.56 -32.18
N ARG B 29 9.70 22.75 -31.88
CA ARG B 29 9.51 21.32 -31.69
C ARG B 29 9.35 21.04 -30.20
N LYS B 30 8.40 20.17 -29.87
CA LYS B 30 8.29 19.70 -28.49
C LYS B 30 9.62 19.11 -28.05
N THR B 31 9.95 19.30 -26.78
CA THR B 31 11.30 19.08 -26.28
C THR B 31 11.24 18.31 -24.97
N ALA B 32 12.09 17.29 -24.87
CA ALA B 32 12.24 16.49 -23.67
C ALA B 32 13.66 16.63 -23.14
N LEU B 33 13.77 16.82 -21.83
CA LEU B 33 15.05 16.73 -21.13
C LEU B 33 15.08 15.41 -20.39
N VAL B 34 16.13 14.62 -20.60
CA VAL B 34 16.31 13.33 -19.92
C VAL B 34 17.63 13.36 -19.17
N THR B 35 17.59 13.23 -17.84
CA THR B 35 18.83 13.09 -17.09
C THR B 35 19.26 11.63 -17.09
N GLY B 36 20.57 11.41 -17.00
CA GLY B 36 21.11 10.05 -16.99
C GLY B 36 20.94 9.33 -18.31
N ALA B 37 20.91 10.07 -19.42
CA ALA B 37 20.52 9.53 -20.71
C ALA B 37 21.68 8.97 -21.51
N SER B 38 22.85 8.77 -20.91
CA SER B 38 23.97 8.33 -21.73
C SER B 38 24.04 6.81 -21.86
N ARG B 39 23.42 6.07 -20.93
CA ARG B 39 23.48 4.61 -20.97
C ARG B 39 22.18 4.03 -20.42
N GLY B 40 21.97 2.75 -20.67
CA GLY B 40 20.97 1.99 -19.93
C GLY B 40 19.55 2.49 -20.15
N ILE B 41 18.79 2.55 -19.07
CA ILE B 41 17.38 2.95 -19.16
C ILE B 41 17.27 4.37 -19.67
N GLY B 42 18.07 5.28 -19.12
CA GLY B 42 17.99 6.67 -19.56
C GLY B 42 18.24 6.83 -21.05
N ARG B 43 19.23 6.11 -21.58
CA ARG B 43 19.47 6.14 -23.03
C ARG B 43 18.31 5.57 -23.81
N ALA B 44 17.75 4.45 -23.33
CA ALA B 44 16.59 3.86 -24.01
C ALA B 44 15.41 4.84 -24.02
N ILE B 45 15.25 5.61 -22.95
CA ILE B 45 14.19 6.61 -22.88
C ILE B 45 14.45 7.74 -23.88
N ALA B 46 15.69 8.23 -23.90
CA ALA B 46 16.08 9.25 -24.87
C ALA B 46 15.74 8.80 -26.29
N GLU B 47 16.19 7.59 -26.65
CA GLU B 47 15.94 7.06 -27.99
C GLU B 47 14.45 6.97 -28.28
N ARG B 48 13.65 6.42 -27.34
CA ARG B 48 12.23 6.27 -27.61
C ARG B 48 11.52 7.61 -27.74
N LEU B 49 11.85 8.57 -26.88
CA LEU B 49 11.22 9.88 -26.99
C LEU B 49 11.60 10.56 -28.31
N ALA B 50 12.84 10.38 -28.76
CA ALA B 50 13.22 10.90 -30.06
C ALA B 50 12.37 10.26 -31.16
N GLN B 51 12.19 8.94 -31.09
CA GLN B 51 11.33 8.26 -32.07
C GLN B 51 9.91 8.80 -32.03
N ASP B 52 9.44 9.20 -30.85
CA ASP B 52 8.10 9.76 -30.69
C ASP B 52 8.00 11.21 -31.16
N GLY B 53 9.12 11.84 -31.55
CA GLY B 53 9.10 13.17 -32.15
C GLY B 53 9.61 14.28 -31.26
N PHE B 54 10.08 13.98 -30.06
CA PHE B 54 10.67 15.01 -29.20
C PHE B 54 12.09 15.32 -29.63
N TYR B 55 12.44 16.60 -29.63
CA TYR B 55 13.85 16.98 -29.51
C TYR B 55 14.31 16.60 -28.11
N VAL B 56 15.40 15.85 -28.01
CA VAL B 56 15.87 15.28 -26.75
C VAL B 56 17.18 15.94 -26.32
N ILE B 57 17.16 16.54 -25.13
CA ILE B 57 18.38 16.92 -24.45
C ILE B 57 18.86 15.74 -23.63
N VAL B 58 20.05 15.25 -23.98
CA VAL B 58 20.71 14.11 -23.34
C VAL B 58 21.62 14.68 -22.25
N ASN B 59 21.15 14.67 -21.01
CA ASN B 59 21.94 15.21 -19.92
C ASN B 59 22.78 14.13 -19.26
N TYR B 60 23.99 14.50 -18.87
CA TYR B 60 24.93 13.54 -18.32
C TYR B 60 25.88 14.27 -17.38
N ALA B 61 26.66 13.51 -16.64
CA ALA B 61 27.59 14.11 -15.66
C ALA B 61 29.04 13.69 -15.87
N GLY B 62 29.28 12.45 -16.26
CA GLY B 62 30.64 11.96 -16.36
C GLY B 62 31.33 12.24 -17.69
N ASN B 63 31.75 11.17 -18.36
CA ASN B 63 32.45 11.30 -19.63
C ASN B 63 31.47 11.52 -20.77
N LYS B 64 31.86 12.39 -21.70
CA LYS B 64 31.00 12.77 -22.80
C LYS B 64 30.71 11.64 -23.77
N ALA B 65 31.54 10.59 -23.79
CA ALA B 65 31.56 9.65 -24.92
C ALA B 65 30.23 8.94 -25.09
N HIS B 66 29.68 8.39 -24.00
CA HIS B 66 28.43 7.64 -24.12
C HIS B 66 27.27 8.56 -24.47
N ALA B 67 27.23 9.76 -23.87
CA ALA B 67 26.17 10.71 -24.23
C ALA B 67 26.24 11.08 -25.71
N GLN B 68 27.46 11.30 -26.23
CA GLN B 68 27.61 11.62 -27.64
C GLN B 68 27.22 10.45 -28.53
N ALA B 69 27.54 9.23 -28.10
CA ALA B 69 27.04 8.05 -28.80
C ALA B 69 25.52 8.05 -28.87
N THR B 70 24.86 8.38 -27.75
CA THR B 70 23.41 8.43 -27.74
C THR B 70 22.90 9.48 -28.72
N VAL B 71 23.46 10.69 -28.65
CA VAL B 71 23.04 11.77 -29.56
C VAL B 71 23.19 11.35 -31.01
N GLU B 72 24.36 10.83 -31.36
CA GLU B 72 24.61 10.47 -32.76
C GLU B 72 23.71 9.33 -33.21
N HIS B 73 23.42 8.38 -32.31
CA HIS B 73 22.46 7.33 -32.67
C HIS B 73 21.06 7.90 -32.92
N ILE B 74 20.64 8.85 -32.10
CA ILE B 74 19.33 9.47 -32.27
C ILE B 74 19.24 10.17 -33.62
N ILE B 75 20.29 10.93 -33.96
CA ILE B 75 20.30 11.68 -35.21
C ILE B 75 20.37 10.73 -36.41
N GLU B 76 21.14 9.65 -36.28
CA GLU B 76 21.24 8.65 -37.34
C GLU B 76 19.88 8.03 -37.64
N GLN B 77 19.06 7.82 -36.61
CA GLN B 77 17.75 7.24 -36.81
C GLN B 77 16.70 8.24 -37.26
N GLY B 78 17.07 9.50 -37.46
CA GLY B 78 16.14 10.51 -37.94
C GLY B 78 15.66 11.52 -36.91
N GLY B 79 16.10 11.43 -35.65
CA GLY B 79 15.65 12.34 -34.63
C GLY B 79 16.56 13.55 -34.49
N GLN B 80 16.24 14.40 -33.51
CA GLN B 80 17.02 15.58 -33.17
C GLN B 80 17.35 15.53 -31.69
N ALA B 81 18.61 15.79 -31.35
CA ALA B 81 19.05 15.70 -29.95
C ALA B 81 20.36 16.45 -29.78
N SER B 82 20.62 16.84 -28.53
CA SER B 82 21.94 17.35 -28.17
C SER B 82 22.21 17.01 -26.71
N ALA B 83 23.49 16.94 -26.35
CA ALA B 83 23.89 16.55 -25.01
C ALA B 83 24.34 17.75 -24.19
N ILE B 84 24.02 17.73 -22.90
CA ILE B 84 24.46 18.77 -21.97
C ILE B 84 24.99 18.11 -20.70
N GLN B 85 26.21 18.50 -20.32
CA GLN B 85 26.79 18.03 -19.07
C GLN B 85 26.26 18.86 -17.90
N ALA B 86 25.85 18.18 -16.84
CA ALA B 86 25.55 18.86 -15.58
C ALA B 86 25.42 17.82 -14.47
N ASP B 87 25.97 18.14 -13.30
CA ASP B 87 25.75 17.39 -12.07
C ASP B 87 24.36 17.75 -11.55
N VAL B 88 23.42 16.81 -11.62
CA VAL B 88 22.04 17.13 -11.25
C VAL B 88 21.87 17.38 -9.76
N ALA B 89 22.85 17.06 -8.93
CA ALA B 89 22.76 17.36 -7.51
C ALA B 89 23.53 18.62 -7.14
N ASN B 90 24.09 19.33 -8.11
CA ASN B 90 24.76 20.61 -7.87
C ASN B 90 23.78 21.73 -8.22
N GLU B 91 23.38 22.53 -7.21
CA GLU B 91 22.33 23.53 -7.43
C GLU B 91 22.73 24.54 -8.51
N HIS B 92 24.02 24.91 -8.57
CA HIS B 92 24.47 25.86 -9.59
C HIS B 92 24.43 25.25 -10.99
N GLU B 93 24.93 24.03 -11.12
CA GLU B 93 24.92 23.36 -12.41
C GLU B 93 23.50 23.07 -12.88
N VAL B 94 22.60 22.74 -11.96
CA VAL B 94 21.22 22.46 -12.37
C VAL B 94 20.53 23.72 -12.84
N SER B 95 20.73 24.84 -12.13
CA SER B 95 20.21 26.10 -12.65
C SER B 95 20.70 26.35 -14.07
N ARG B 96 22.01 26.23 -14.28
CA ARG B 96 22.54 26.46 -15.63
C ARG B 96 21.93 25.48 -16.63
N LEU B 97 21.81 24.21 -16.24
CA LEU B 97 21.27 23.18 -17.12
C LEU B 97 19.89 23.56 -17.61
N PHE B 98 19.02 24.03 -16.71
CA PHE B 98 17.67 24.32 -17.15
C PHE B 98 17.61 25.57 -18.01
N GLN B 99 18.42 26.57 -17.69
CA GLN B 99 18.50 27.76 -18.54
C GLN B 99 18.95 27.37 -19.95
N GLU B 100 20.00 26.56 -20.04
CA GLU B 100 20.56 26.16 -21.32
C GLU B 100 19.58 25.29 -22.10
N ALA B 101 18.96 24.31 -21.43
CA ALA B 101 18.05 23.40 -22.13
C ALA B 101 16.83 24.14 -22.64
N LYS B 102 16.27 25.06 -21.85
CA LYS B 102 15.09 25.78 -22.33
C LYS B 102 15.44 26.69 -23.51
N ALA B 103 16.67 27.17 -23.59
CA ALA B 103 17.05 28.11 -24.65
C ALA B 103 17.14 27.43 -26.01
N ILE B 104 17.18 26.10 -26.06
CA ILE B 104 17.37 25.43 -27.34
C ILE B 104 16.18 25.69 -28.25
N ASN B 105 14.98 25.32 -27.79
CA ASN B 105 13.77 25.50 -28.57
C ASN B 105 12.77 26.44 -27.92
N GLY B 106 13.18 27.15 -26.85
CA GLY B 106 12.27 28.02 -26.15
C GLY B 106 11.22 27.33 -25.31
N ARG B 107 11.35 26.02 -25.07
CA ARG B 107 10.31 25.25 -24.40
C ARG B 107 10.91 23.97 -23.82
N LEU B 108 10.28 23.48 -22.74
CA LEU B 108 10.68 22.23 -22.09
C LEU B 108 9.39 21.47 -21.76
N ASP B 109 8.93 20.67 -22.72
CA ASP B 109 7.62 20.05 -22.61
C ASP B 109 7.64 18.89 -21.62
N VAL B 110 8.71 18.10 -21.62
CA VAL B 110 8.76 16.87 -20.83
C VAL B 110 10.10 16.81 -20.08
N VAL B 111 10.06 16.48 -18.80
CA VAL B 111 11.30 16.23 -18.05
C VAL B 111 11.25 14.82 -17.49
N VAL B 112 12.27 14.02 -17.81
CA VAL B 112 12.42 12.67 -17.29
C VAL B 112 13.71 12.61 -16.47
N HIS B 113 13.58 12.27 -15.19
CA HIS B 113 14.72 12.19 -14.30
C HIS B 113 15.05 10.72 -14.12
N SER B 114 16.10 10.25 -14.79
CA SER B 114 16.49 8.86 -14.71
C SER B 114 17.83 8.64 -14.04
N ALA B 115 18.61 9.69 -13.81
CA ALA B 115 19.93 9.53 -13.23
C ALA B 115 19.85 9.07 -11.78
N GLY B 116 20.75 8.17 -11.39
CA GLY B 116 20.82 7.71 -10.03
C GLY B 116 21.96 6.73 -9.87
N ILE B 117 22.29 6.43 -8.62
CA ILE B 117 23.32 5.45 -8.28
C ILE B 117 22.74 4.44 -7.29
N MET B 118 23.29 3.23 -7.31
CA MET B 118 22.78 2.14 -6.48
C MET B 118 23.91 1.39 -5.77
N PRO B 119 24.64 2.06 -4.88
CA PRO B 119 25.63 1.33 -4.08
C PRO B 119 24.96 0.56 -2.95
N MET B 120 25.63 -0.50 -2.52
CA MET B 120 25.17 -1.34 -1.42
C MET B 120 25.87 -0.91 -0.14
N ALA B 121 25.09 -0.80 0.95
CA ALA B 121 25.67 -0.49 2.25
C ALA B 121 24.63 -0.80 3.32
N LYS B 122 25.02 -1.60 4.31
CA LYS B 122 24.10 -1.96 5.36
C LYS B 122 23.90 -0.78 6.31
N ILE B 123 22.85 -0.85 7.12
CA ILE B 123 22.55 0.23 8.05
C ILE B 123 23.41 0.09 9.29
N THR B 124 24.60 0.68 9.24
CA THR B 124 25.62 0.65 10.28
C THR B 124 26.35 1.98 10.26
N PRO B 125 26.98 2.39 11.36
CA PRO B 125 27.62 3.72 11.37
C PRO B 125 28.70 3.85 10.31
N GLU B 126 29.43 2.79 10.04
CA GLU B 126 30.47 2.81 9.02
C GLU B 126 29.93 3.08 7.63
N SER B 127 28.63 2.89 7.41
CA SER B 127 28.03 3.17 6.10
C SER B 127 27.63 4.63 5.91
N LEU B 128 27.79 5.48 6.93
CA LEU B 128 27.33 6.86 6.81
C LEU B 128 27.83 7.60 5.57
N PRO B 129 29.10 7.47 5.16
CA PRO B 129 29.50 8.14 3.89
C PRO B 129 28.70 7.69 2.67
N ASP B 130 28.55 6.37 2.48
CA ASP B 130 27.74 5.87 1.38
C ASP B 130 26.32 6.39 1.46
N PHE B 131 25.72 6.31 2.65
CA PHE B 131 24.38 6.88 2.84
C PHE B 131 24.36 8.32 2.34
N ASP B 132 25.29 9.15 2.84
CA ASP B 132 25.26 10.56 2.48
C ASP B 132 25.39 10.73 0.98
N LYS B 133 26.18 9.86 0.32
CA LYS B 133 26.37 10.01 -1.12
C LYS B 133 25.10 9.66 -1.87
N VAL B 134 24.47 8.53 -1.50
CA VAL B 134 23.24 8.10 -2.17
C VAL B 134 22.17 9.16 -2.03
N ILE B 135 21.93 9.59 -0.79
CA ILE B 135 20.93 10.63 -0.55
C ILE B 135 21.26 11.87 -1.36
N HIS B 136 22.55 12.23 -1.43
CA HIS B 136 22.87 13.45 -2.15
C HIS B 136 22.58 13.27 -3.63
N THR B 137 23.00 12.13 -4.19
CA THR B 137 22.88 11.99 -5.64
C THR B 137 21.45 11.71 -6.05
N ASN B 138 20.81 10.77 -5.36
CA ASN B 138 19.49 10.32 -5.80
C ASN B 138 18.37 11.23 -5.29
N LEU B 139 18.40 11.63 -4.02
CA LEU B 139 17.27 12.35 -3.45
C LEU B 139 17.40 13.87 -3.63
N ARG B 140 18.52 14.46 -3.17
CA ARG B 140 18.71 15.89 -3.46
C ARG B 140 18.70 16.13 -4.96
N GLY B 141 19.40 15.28 -5.72
CA GLY B 141 19.32 15.34 -7.18
C GLY B 141 17.90 15.39 -7.67
N ALA B 142 17.07 14.44 -7.22
CA ALA B 142 15.69 14.44 -7.70
C ALA B 142 14.99 15.73 -7.30
N PHE B 143 15.22 16.19 -6.07
CA PHE B 143 14.53 17.40 -5.62
C PHE B 143 14.82 18.54 -6.58
N LEU B 144 16.10 18.71 -6.93
CA LEU B 144 16.45 19.85 -7.77
C LEU B 144 15.82 19.72 -9.13
N ILE B 145 15.86 18.51 -9.71
CA ILE B 145 15.33 18.35 -11.06
C ILE B 145 13.84 18.60 -11.04
N LEU B 146 13.16 18.13 -9.97
CA LEU B 146 11.73 18.32 -9.91
C LEU B 146 11.41 19.79 -9.71
N ALA B 147 12.18 20.46 -8.84
CA ALA B 147 11.88 21.87 -8.55
C ALA B 147 12.06 22.72 -9.80
N HIS B 148 13.18 22.55 -10.48
CA HIS B 148 13.39 23.32 -11.70
C HIS B 148 12.38 22.92 -12.77
N ALA B 149 12.01 21.63 -12.82
CA ALA B 149 11.02 21.28 -13.83
C ALA B 149 9.70 21.95 -13.52
N ALA B 150 9.34 22.01 -12.23
CA ALA B 150 8.07 22.63 -11.88
C ALA B 150 8.04 24.10 -12.24
N GLU B 151 9.21 24.74 -12.39
CA GLU B 151 9.22 26.16 -12.73
C GLU B 151 9.34 26.41 -14.22
N THR B 152 9.61 25.37 -15.02
CA THR B 152 9.94 25.58 -16.42
C THR B 152 8.96 24.93 -17.38
N VAL B 153 8.30 23.85 -16.95
CA VAL B 153 7.43 23.04 -17.80
C VAL B 153 6.14 23.80 -18.11
N PRO B 154 5.62 23.76 -19.33
CA PRO B 154 4.39 24.51 -19.63
C PRO B 154 3.17 23.75 -19.15
N ASP B 155 2.03 24.45 -19.13
CA ASP B 155 0.75 23.78 -19.00
C ASP B 155 0.64 22.67 -20.04
N GLY B 156 0.14 21.52 -19.60
CA GLY B 156 0.12 20.34 -20.45
C GLY B 156 1.39 19.52 -20.43
N GLY B 157 2.41 19.98 -19.73
CA GLY B 157 3.68 19.28 -19.69
C GLY B 157 3.62 18.02 -18.84
N ARG B 158 4.74 17.30 -18.82
CA ARG B 158 4.84 16.03 -18.10
C ARG B 158 6.18 15.93 -17.39
N ILE B 159 6.13 15.52 -16.13
CA ILE B 159 7.33 15.29 -15.31
C ILE B 159 7.29 13.84 -14.86
N ILE B 160 8.37 13.10 -15.15
CA ILE B 160 8.44 11.66 -14.87
C ILE B 160 9.76 11.37 -14.17
N ALA B 161 9.69 10.71 -13.02
CA ALA B 161 10.87 10.34 -12.27
C ALA B 161 11.05 8.83 -12.25
N LEU B 162 12.29 8.39 -12.20
CA LEU B 162 12.61 6.97 -12.14
C LEU B 162 12.83 6.61 -10.69
N SER B 163 12.04 5.64 -10.20
CA SER B 163 12.23 5.07 -8.88
C SER B 163 12.71 3.64 -9.07
N THR B 164 12.27 2.72 -8.22
CA THR B 164 12.76 1.35 -8.31
C THR B 164 11.71 0.39 -7.74
N SER B 165 11.63 -0.78 -8.38
CA SER B 165 10.79 -1.87 -7.92
C SER B 165 11.29 -2.44 -6.59
N VAL B 166 12.59 -2.32 -6.31
CA VAL B 166 13.21 -3.01 -5.18
C VAL B 166 12.73 -2.49 -3.84
N ILE B 167 12.03 -1.35 -3.80
CA ILE B 167 11.41 -0.87 -2.57
C ILE B 167 10.53 -1.95 -1.96
N ALA B 168 9.85 -2.72 -2.81
CA ALA B 168 8.94 -3.71 -2.25
C ALA B 168 9.67 -4.84 -1.54
N LYS B 169 10.95 -5.06 -1.83
CA LYS B 169 11.65 -6.21 -1.27
C LYS B 169 12.49 -5.88 -0.03
N SER B 170 12.94 -4.64 0.15
CA SER B 170 13.67 -4.22 1.35
C SER B 170 14.86 -5.13 1.64
N PHE B 171 15.60 -5.49 0.59
CA PHE B 171 16.74 -6.39 0.72
C PHE B 171 17.83 -5.78 1.59
N PRO B 172 18.58 -6.61 2.31
CA PRO B 172 19.75 -6.11 3.03
C PRO B 172 20.69 -5.37 2.10
N ALA B 173 21.30 -4.30 2.62
CA ALA B 173 22.26 -3.43 1.95
C ALA B 173 21.61 -2.45 0.97
N TYR B 174 20.30 -2.54 0.74
CA TYR B 174 19.57 -1.62 -0.12
C TYR B 174 18.93 -0.46 0.64
N GLY B 175 19.19 -0.35 1.95
CA GLY B 175 18.60 0.69 2.77
C GLY B 175 18.79 2.09 2.22
N PRO B 176 20.04 2.53 2.08
CA PRO B 176 20.25 3.90 1.55
C PRO B 176 19.58 4.13 0.20
N TYR B 177 19.68 3.16 -0.71
CA TYR B 177 19.09 3.30 -2.04
C TYR B 177 17.57 3.39 -1.97
N ILE B 178 16.96 2.47 -1.23
CA ILE B 178 15.50 2.46 -1.08
C ILE B 178 15.03 3.73 -0.40
N ALA B 179 15.75 4.18 0.64
CA ALA B 179 15.36 5.42 1.32
C ALA B 179 15.35 6.58 0.33
N SER B 180 16.40 6.68 -0.51
CA SER B 180 16.46 7.77 -1.48
C SER B 180 15.30 7.71 -2.46
N LYS B 181 14.97 6.52 -2.96
CA LYS B 181 13.90 6.44 -3.96
C LYS B 181 12.49 6.56 -3.36
N ALA B 182 12.26 6.02 -2.15
CA ALA B 182 11.01 6.33 -1.44
C ALA B 182 10.83 7.83 -1.28
N GLY B 183 11.90 8.54 -0.92
CA GLY B 183 11.82 10.00 -0.90
C GLY B 183 11.41 10.57 -2.23
N VAL B 184 12.02 10.08 -3.32
CA VAL B 184 11.66 10.56 -4.66
C VAL B 184 10.16 10.37 -4.91
N GLU B 185 9.62 9.21 -4.54
CA GLU B 185 8.19 8.98 -4.80
C GLU B 185 7.33 9.95 -4.00
N GLY B 186 7.72 10.21 -2.74
CA GLY B 186 7.00 11.18 -1.93
C GLY B 186 6.98 12.56 -2.58
N LEU B 187 8.11 12.94 -3.17
CA LEU B 187 8.15 14.22 -3.87
C LEU B 187 7.24 14.20 -5.08
N VAL B 188 7.21 13.10 -5.82
CA VAL B 188 6.35 13.02 -7.00
C VAL B 188 4.89 13.24 -6.62
N HIS B 189 4.43 12.56 -5.55
CA HIS B 189 3.03 12.70 -5.17
C HIS B 189 2.71 14.11 -4.69
N VAL B 190 3.63 14.74 -3.94
CA VAL B 190 3.34 16.11 -3.48
C VAL B 190 3.37 17.10 -4.66
N LEU B 191 4.32 16.93 -5.58
CA LEU B 191 4.41 17.84 -6.71
C LEU B 191 3.15 17.76 -7.58
N ALA B 192 2.59 16.55 -7.73
CA ALA B 192 1.35 16.44 -8.50
C ALA B 192 0.27 17.33 -7.92
N ASN B 193 0.22 17.46 -6.58
CA ASN B 193 -0.77 18.33 -5.96
C ASN B 193 -0.37 19.79 -6.03
N GLU B 194 0.93 20.09 -5.91
CA GLU B 194 1.35 21.49 -5.97
C GLU B 194 1.14 22.09 -7.37
N LEU B 195 1.12 21.27 -8.41
CA LEU B 195 0.94 21.78 -9.78
C LEU B 195 -0.52 21.82 -10.20
N ARG B 196 -1.45 21.66 -9.26
CA ARG B 196 -2.87 21.81 -9.55
C ARG B 196 -3.14 23.12 -10.27
N GLY B 197 -3.99 23.07 -11.30
CA GLY B 197 -4.29 24.23 -12.10
C GLY B 197 -3.44 24.40 -13.34
N ARG B 198 -2.30 23.72 -13.42
CA ARG B 198 -1.39 23.88 -14.55
C ARG B 198 -1.51 22.76 -15.58
N ASN B 199 -2.31 21.74 -15.31
CA ASN B 199 -2.42 20.55 -16.16
C ASN B 199 -1.03 19.99 -16.48
N ILE B 200 -0.28 19.70 -15.43
CA ILE B 200 1.00 18.99 -15.52
C ILE B 200 0.87 17.70 -14.73
N THR B 201 1.10 16.56 -15.39
CA THR B 201 1.15 15.31 -14.64
C THR B 201 2.56 15.08 -14.12
N VAL B 202 2.64 14.45 -12.94
CA VAL B 202 3.89 14.04 -12.31
C VAL B 202 3.73 12.57 -11.96
N ASN B 203 4.63 11.74 -12.48
CA ASN B 203 4.52 10.30 -12.24
C ASN B 203 5.91 9.75 -12.01
N ALA B 204 5.95 8.48 -11.62
CA ALA B 204 7.21 7.76 -11.49
C ALA B 204 7.06 6.40 -12.13
N VAL B 205 8.16 5.89 -12.65
CA VAL B 205 8.24 4.53 -13.19
C VAL B 205 9.30 3.80 -12.38
N ALA B 206 8.97 2.60 -11.92
CA ALA B 206 9.83 1.85 -11.00
C ALA B 206 10.21 0.53 -11.68
N PRO B 207 11.35 0.47 -12.37
CA PRO B 207 11.80 -0.78 -12.97
C PRO B 207 12.43 -1.72 -11.97
N GLY B 208 12.37 -3.01 -12.28
CA GLY B 208 13.29 -3.97 -11.71
C GLY B 208 14.60 -3.90 -12.50
N PRO B 209 15.48 -4.88 -12.28
CA PRO B 209 16.71 -4.95 -13.09
C PRO B 209 16.38 -5.13 -14.58
N THR B 210 17.21 -4.54 -15.44
CA THR B 210 17.09 -4.77 -16.88
C THR B 210 18.43 -5.12 -17.50
N GLY B 211 18.36 -5.69 -18.70
CA GLY B 211 19.52 -6.21 -19.39
C GLY B 211 20.39 -5.14 -20.05
N THR B 212 20.90 -4.20 -19.26
CA THR B 212 21.86 -3.24 -19.77
C THR B 212 23.21 -3.90 -20.01
N ASP B 213 24.04 -3.25 -20.82
CA ASP B 213 25.38 -3.78 -21.08
C ASP B 213 26.15 -3.97 -19.78
N LEU B 214 26.00 -3.02 -18.85
CA LEU B 214 26.68 -3.14 -17.57
C LEU B 214 26.16 -4.34 -16.79
N PHE B 215 24.85 -4.55 -16.82
CA PHE B 215 24.25 -5.73 -16.20
C PHE B 215 24.91 -7.01 -16.70
N TYR B 216 24.98 -7.18 -18.03
CA TYR B 216 25.45 -8.45 -18.58
C TYR B 216 26.95 -8.64 -18.39
N ASN B 217 27.73 -7.57 -18.54
CA ASN B 217 29.18 -7.70 -18.34
C ASN B 217 29.49 -8.15 -16.91
N GLY B 218 28.95 -7.46 -15.92
CA GLY B 218 29.20 -7.74 -14.52
C GLY B 218 28.62 -9.02 -13.96
N LYS B 219 28.10 -9.92 -14.78
CA LYS B 219 27.50 -11.15 -14.28
C LYS B 219 27.86 -12.35 -15.15
N THR B 220 27.86 -13.52 -14.53
CA THR B 220 28.04 -14.80 -15.20
C THR B 220 26.78 -15.14 -16.01
N ASP B 221 26.90 -16.14 -16.88
CA ASP B 221 25.71 -16.66 -17.53
C ASP B 221 24.79 -17.33 -16.52
N GLU B 222 25.34 -17.82 -15.41
CA GLU B 222 24.56 -18.50 -14.39
C GLU B 222 23.76 -17.52 -13.54
N GLN B 223 24.38 -16.42 -13.12
CA GLN B 223 23.62 -15.38 -12.44
C GLN B 223 22.54 -14.82 -13.34
N VAL B 224 22.83 -14.68 -14.64
CA VAL B 224 21.84 -14.20 -15.60
C VAL B 224 20.67 -15.17 -15.67
N ALA B 225 20.97 -16.47 -15.81
CA ALA B 225 19.91 -17.48 -15.89
C ALA B 225 19.06 -17.48 -14.62
N ALA B 226 19.70 -17.37 -13.46
CA ALA B 226 18.97 -17.31 -12.20
C ALA B 226 18.04 -16.10 -12.15
N ILE B 227 18.54 -14.92 -12.56
CA ILE B 227 17.69 -13.73 -12.52
C ILE B 227 16.58 -13.83 -13.55
N ALA B 228 16.84 -14.46 -14.69
CA ALA B 228 15.83 -14.57 -15.75
C ALA B 228 14.65 -15.42 -15.30
N LYS B 229 14.85 -16.28 -14.31
CA LYS B 229 13.79 -17.15 -13.80
C LYS B 229 12.91 -16.46 -12.76
N LEU B 230 13.31 -15.29 -12.26
CA LEU B 230 12.62 -14.72 -11.10
C LEU B 230 11.24 -14.20 -11.47
N ALA B 231 11.11 -13.46 -12.56
CA ALA B 231 9.79 -12.97 -12.97
C ALA B 231 8.90 -14.14 -13.40
N PRO B 232 7.59 -14.03 -13.21
CA PRO B 232 6.69 -15.04 -13.79
C PRO B 232 6.82 -15.16 -15.30
N LEU B 233 7.19 -14.07 -15.97
CA LEU B 233 7.44 -14.11 -17.41
C LEU B 233 8.74 -14.82 -17.75
N GLU B 234 9.64 -15.00 -16.78
CA GLU B 234 10.84 -15.82 -16.92
C GLU B 234 11.70 -15.36 -18.10
N ARG B 235 12.07 -14.08 -18.07
CA ARG B 235 13.12 -13.57 -18.95
C ARG B 235 13.72 -12.34 -18.28
N ILE B 236 14.77 -11.83 -18.90
CA ILE B 236 15.36 -10.57 -18.46
C ILE B 236 14.57 -9.43 -19.09
N GLY B 237 14.21 -8.44 -18.30
CA GLY B 237 13.57 -7.25 -18.86
C GLY B 237 14.58 -6.37 -19.56
N THR B 238 14.11 -5.64 -20.58
CA THR B 238 14.99 -4.79 -21.36
C THR B 238 14.78 -3.30 -21.05
N PRO B 239 15.79 -2.47 -21.31
CA PRO B 239 15.59 -1.03 -21.12
C PRO B 239 14.48 -0.47 -22.02
N ASP B 240 14.37 -0.95 -23.27
CA ASP B 240 13.27 -0.52 -24.13
C ASP B 240 11.91 -0.77 -23.48
N GLU B 241 11.80 -1.87 -22.73
CA GLU B 241 10.53 -2.18 -22.07
C GLU B 241 10.20 -1.20 -20.96
N ILE B 242 11.21 -0.64 -20.29
CA ILE B 242 10.95 0.45 -19.36
C ILE B 242 10.59 1.73 -20.12
N ALA B 243 11.34 2.02 -21.18
CA ALA B 243 11.16 3.27 -21.91
C ALA B 243 9.77 3.36 -22.52
N GLY B 244 9.20 2.25 -22.96
CA GLY B 244 7.86 2.31 -23.52
C GLY B 244 6.80 2.78 -22.54
N VAL B 245 6.96 2.45 -21.25
CA VAL B 245 6.03 2.97 -20.24
C VAL B 245 6.28 4.46 -20.02
N VAL B 246 7.55 4.85 -19.92
CA VAL B 246 7.87 6.28 -19.83
C VAL B 246 7.28 7.05 -21.03
N ALA B 247 7.34 6.45 -22.21
CA ALA B 247 6.81 7.12 -23.41
C ALA B 247 5.28 7.18 -23.39
N MET B 248 4.62 6.17 -22.81
CA MET B 248 3.18 6.28 -22.61
C MET B 248 2.85 7.47 -21.72
N LEU B 249 3.59 7.62 -20.61
CA LEU B 249 3.35 8.75 -19.71
C LEU B 249 3.63 10.09 -20.38
N ALA B 250 4.59 10.14 -21.31
CA ALA B 250 4.96 11.39 -21.94
C ALA B 250 4.02 11.78 -23.07
N GLY B 251 3.14 10.87 -23.52
CA GLY B 251 2.33 11.12 -24.69
C GLY B 251 0.83 11.15 -24.44
N PRO B 252 0.07 11.07 -25.53
CA PRO B 252 -1.40 11.23 -25.43
C PRO B 252 -2.08 10.18 -24.59
N ASP B 253 -1.58 8.95 -24.60
CA ASP B 253 -2.25 7.92 -23.82
C ASP B 253 -2.07 8.08 -22.32
N GLY B 254 -1.14 8.95 -21.90
CA GLY B 254 -0.83 9.15 -20.50
C GLY B 254 -1.48 10.36 -19.87
N ARG B 255 -2.40 11.03 -20.58
CA ARG B 255 -2.86 12.36 -20.16
C ARG B 255 -3.66 12.33 -18.86
N TRP B 256 -4.31 11.20 -18.55
CA TRP B 256 -5.09 11.11 -17.33
C TRP B 256 -4.38 10.29 -16.24
N VAL B 257 -3.14 9.87 -16.48
CA VAL B 257 -2.33 9.23 -15.44
C VAL B 257 -1.57 10.32 -14.69
N ASN B 258 -1.79 10.41 -13.38
CA ASN B 258 -1.18 11.48 -12.58
C ASN B 258 -0.95 11.01 -11.15
N SER B 259 0.23 11.32 -10.60
CA SER B 259 0.62 10.97 -9.24
C SER B 259 0.71 9.45 -9.04
N GLN B 260 1.13 8.72 -10.07
CA GLN B 260 1.21 7.26 -10.04
C GLN B 260 2.67 6.80 -10.09
N VAL B 261 2.93 5.70 -9.39
CA VAL B 261 4.19 4.97 -9.50
C VAL B 261 3.87 3.68 -10.24
N ILE B 262 4.31 3.55 -11.48
CA ILE B 262 4.05 2.34 -12.25
C ILE B 262 5.28 1.44 -12.15
N ARG B 263 5.10 0.27 -11.55
CA ARG B 263 6.18 -0.71 -11.45
C ARG B 263 6.23 -1.54 -12.72
N VAL B 264 7.42 -1.62 -13.32
CA VAL B 264 7.63 -2.32 -14.58
C VAL B 264 8.72 -3.35 -14.29
N ASN B 265 8.31 -4.56 -13.92
CA ASN B 265 9.26 -5.53 -13.39
C ASN B 265 8.92 -6.95 -13.84
N GLY B 266 8.01 -7.13 -14.80
CA GLY B 266 7.67 -8.45 -15.26
C GLY B 266 6.84 -9.27 -14.31
N GLY B 267 6.36 -8.67 -13.21
CA GLY B 267 5.62 -9.40 -12.19
C GLY B 267 6.42 -9.85 -10.99
N PHE B 268 7.70 -9.48 -10.92
CA PHE B 268 8.55 -9.79 -9.77
C PHE B 268 9.12 -8.51 -9.18
N SER C 22 -14.70 -9.59 36.17
CA SER C 22 -15.89 -8.89 36.64
C SER C 22 -15.59 -8.09 37.91
N ASN C 23 -16.40 -7.06 38.18
CA ASN C 23 -16.19 -6.22 39.36
C ASN C 23 -16.74 -6.86 40.62
N ALA C 24 -16.88 -6.06 41.70
CA ALA C 24 -17.36 -6.57 42.97
C ALA C 24 -18.75 -7.19 42.83
N MET C 25 -19.62 -6.59 42.02
CA MET C 25 -20.95 -7.10 41.74
C MET C 25 -20.94 -8.22 40.70
N ASN C 26 -19.77 -8.78 40.39
CA ASN C 26 -19.62 -9.87 39.43
C ASN C 26 -20.27 -9.52 38.09
N ILE C 27 -20.11 -8.27 37.69
CA ILE C 27 -20.54 -7.77 36.39
C ILE C 27 -19.27 -7.51 35.58
N SER C 28 -19.18 -8.15 34.41
CA SER C 28 -18.06 -7.90 33.52
C SER C 28 -18.13 -6.45 33.00
N ARG C 29 -16.98 -5.77 32.99
CA ARG C 29 -16.99 -4.35 32.62
C ARG C 29 -17.43 -4.16 31.17
N LYS C 30 -17.10 -5.12 30.30
CA LYS C 30 -17.49 -5.06 28.91
C LYS C 30 -17.80 -6.47 28.43
N THR C 31 -18.46 -6.55 27.29
CA THR C 31 -18.80 -7.81 26.64
C THR C 31 -18.24 -7.84 25.21
N ALA C 32 -17.65 -8.98 24.84
CA ALA C 32 -17.09 -9.18 23.51
C ALA C 32 -17.66 -10.45 22.86
N LEU C 33 -18.08 -10.32 21.61
CA LEU C 33 -18.44 -11.47 20.78
C LEU C 33 -17.25 -11.85 19.90
N VAL C 34 -16.80 -13.11 19.99
CA VAL C 34 -15.73 -13.61 19.15
C VAL C 34 -16.28 -14.73 18.28
N THR C 35 -16.34 -14.51 16.96
CA THR C 35 -16.72 -15.59 16.04
C THR C 35 -15.53 -16.51 15.76
N GLY C 36 -15.84 -17.79 15.52
CA GLY C 36 -14.80 -18.78 15.31
C GLY C 36 -13.90 -19.00 16.50
N ALA C 37 -14.43 -18.92 17.72
CA ALA C 37 -13.60 -18.91 18.91
C ALA C 37 -13.34 -20.31 19.47
N SER C 38 -13.79 -21.38 18.79
CA SER C 38 -13.63 -22.73 19.32
C SER C 38 -12.16 -23.15 19.38
N ARG C 39 -11.36 -22.76 18.39
CA ARG C 39 -9.99 -23.25 18.26
C ARG C 39 -9.13 -22.13 17.71
N GLY C 40 -7.82 -22.34 17.80
CA GLY C 40 -6.90 -21.54 17.00
C GLY C 40 -6.82 -20.09 17.45
N ILE C 41 -6.71 -19.21 16.46
CA ILE C 41 -6.57 -17.78 16.74
C ILE C 41 -7.79 -17.24 17.47
N GLY C 42 -8.99 -17.63 17.02
CA GLY C 42 -10.20 -17.18 17.70
C GLY C 42 -10.24 -17.59 19.15
N ARG C 43 -9.78 -18.81 19.46
CA ARG C 43 -9.71 -19.26 20.84
C ARG C 43 -8.71 -18.42 21.63
N ALA C 44 -7.53 -18.16 21.06
CA ALA C 44 -6.55 -17.35 21.76
C ALA C 44 -7.09 -15.95 22.03
N ILE C 45 -7.86 -15.42 21.10
CA ILE C 45 -8.48 -14.11 21.26
C ILE C 45 -9.50 -14.13 22.39
N ALA C 46 -10.39 -15.12 22.38
CA ALA C 46 -11.40 -15.26 23.43
C ALA C 46 -10.73 -15.36 24.81
N GLU C 47 -9.68 -16.20 24.91
CA GLU C 47 -8.98 -16.36 26.19
C GLU C 47 -8.37 -15.04 26.65
N ARG C 48 -7.69 -14.34 25.73
CA ARG C 48 -7.04 -13.08 26.11
C ARG C 48 -8.06 -12.02 26.49
N LEU C 49 -9.16 -11.89 25.73
CA LEU C 49 -10.16 -10.89 26.08
C LEU C 49 -10.82 -11.20 27.42
N ALA C 50 -11.09 -12.48 27.68
CA ALA C 50 -11.61 -12.87 28.99
C ALA C 50 -10.65 -12.49 30.10
N GLN C 51 -9.35 -12.71 29.88
CA GLN C 51 -8.33 -12.33 30.85
C GLN C 51 -8.34 -10.83 31.12
N ASP C 52 -8.49 -10.03 30.06
CA ASP C 52 -8.56 -8.58 30.17
C ASP C 52 -9.84 -8.08 30.83
N GLY C 53 -10.81 -8.95 31.10
CA GLY C 53 -12.02 -8.57 31.81
C GLY C 53 -13.30 -8.58 31.01
N PHE C 54 -13.25 -8.93 29.71
CA PHE C 54 -14.47 -9.04 28.93
C PHE C 54 -15.21 -10.32 29.28
N TYR C 55 -16.54 -10.23 29.37
CA TYR C 55 -17.37 -11.41 29.13
C TYR C 55 -17.23 -11.78 27.66
N VAL C 56 -17.12 -13.07 27.36
CA VAL C 56 -16.89 -13.50 25.99
C VAL C 56 -17.99 -14.46 25.53
N ILE C 57 -18.67 -14.09 24.45
CA ILE C 57 -19.47 -15.03 23.69
C ILE C 57 -18.52 -15.74 22.72
N VAL C 58 -18.32 -17.04 22.96
CA VAL C 58 -17.61 -17.97 22.08
C VAL C 58 -18.61 -18.42 21.01
N ASN C 59 -18.53 -17.84 19.83
CA ASN C 59 -19.45 -18.22 18.76
C ASN C 59 -18.87 -19.38 17.97
N TYR C 60 -19.74 -20.26 17.48
CA TYR C 60 -19.29 -21.41 16.71
C TYR C 60 -20.38 -21.82 15.72
N ALA C 61 -19.96 -22.57 14.70
CA ALA C 61 -20.85 -22.93 13.59
C ALA C 61 -21.28 -24.39 13.64
N GLY C 62 -20.37 -25.31 13.92
CA GLY C 62 -20.70 -26.72 13.82
C GLY C 62 -21.00 -27.38 15.15
N ASN C 63 -20.11 -28.25 15.59
CA ASN C 63 -20.28 -28.93 16.86
C ASN C 63 -19.59 -28.14 17.97
N LYS C 64 -20.22 -28.18 19.15
CA LYS C 64 -19.96 -27.27 20.26
C LYS C 64 -18.91 -27.76 21.25
N ALA C 65 -18.35 -28.96 21.07
CA ALA C 65 -17.44 -29.50 22.08
C ALA C 65 -16.25 -28.58 22.30
N HIS C 66 -15.63 -28.10 21.22
CA HIS C 66 -14.46 -27.23 21.36
C HIS C 66 -14.86 -25.87 21.93
N ALA C 67 -15.98 -25.31 21.45
CA ALA C 67 -16.46 -24.05 21.99
C ALA C 67 -16.76 -24.17 23.49
N GLN C 68 -17.43 -25.25 23.89
CA GLN C 68 -17.69 -25.46 25.31
C GLN C 68 -16.41 -25.61 26.10
N ALA C 69 -15.39 -26.23 25.49
CA ALA C 69 -14.10 -26.34 26.17
C ALA C 69 -13.49 -24.96 26.40
N THR C 70 -13.58 -24.08 25.40
CA THR C 70 -13.10 -22.72 25.55
C THR C 70 -13.85 -22.00 26.67
N VAL C 71 -15.18 -22.08 26.66
CA VAL C 71 -16.00 -21.46 27.70
C VAL C 71 -15.54 -21.94 29.08
N GLU C 72 -15.36 -23.26 29.23
CA GLU C 72 -15.00 -23.78 30.54
C GLU C 72 -13.60 -23.33 30.95
N HIS C 73 -12.67 -23.22 30.00
CA HIS C 73 -11.35 -22.73 30.37
C HIS C 73 -11.40 -21.28 30.84
N ILE C 74 -12.18 -20.45 30.13
CA ILE C 74 -12.35 -19.05 30.54
C ILE C 74 -12.96 -18.97 31.94
N ILE C 75 -14.00 -19.78 32.20
CA ILE C 75 -14.64 -19.73 33.52
C ILE C 75 -13.68 -20.20 34.59
N GLU C 76 -12.92 -21.27 34.32
CA GLU C 76 -11.96 -21.77 35.30
C GLU C 76 -10.88 -20.75 35.60
N GLN C 77 -10.49 -19.95 34.61
CA GLN C 77 -9.51 -18.90 34.85
C GLN C 77 -10.10 -17.68 35.57
N GLY C 78 -11.40 -17.67 35.84
CA GLY C 78 -12.03 -16.57 36.57
C GLY C 78 -12.89 -15.64 35.74
N GLY C 79 -13.15 -15.96 34.47
CA GLY C 79 -13.90 -15.09 33.60
C GLY C 79 -15.36 -15.48 33.51
N GLN C 80 -16.03 -14.87 32.56
CA GLN C 80 -17.41 -15.18 32.24
C GLN C 80 -17.49 -15.40 30.74
N ALA C 81 -18.12 -16.50 30.34
CA ALA C 81 -18.21 -16.80 28.93
C ALA C 81 -19.40 -17.73 28.69
N SER C 82 -19.84 -17.73 27.46
CA SER C 82 -20.81 -18.74 27.05
C SER C 82 -20.67 -18.93 25.55
N ALA C 83 -21.03 -20.12 25.08
CA ALA C 83 -20.93 -20.44 23.67
C ALA C 83 -22.30 -20.32 23.02
N ILE C 84 -22.32 -19.73 21.82
CA ILE C 84 -23.55 -19.58 21.05
C ILE C 84 -23.28 -20.10 19.65
N GLN C 85 -24.20 -20.93 19.15
CA GLN C 85 -24.14 -21.48 17.81
C GLN C 85 -24.67 -20.47 16.80
N ALA C 86 -23.93 -20.30 15.70
CA ALA C 86 -24.44 -19.59 14.53
C ALA C 86 -23.50 -19.73 13.34
N ASP C 87 -24.05 -20.03 12.16
CA ASP C 87 -23.33 -19.92 10.91
C ASP C 87 -23.26 -18.44 10.52
N VAL C 88 -22.04 -17.89 10.47
CA VAL C 88 -21.90 -16.46 10.22
C VAL C 88 -22.39 -16.05 8.83
N ALA C 89 -22.40 -16.97 7.85
CA ALA C 89 -22.92 -16.63 6.53
C ALA C 89 -24.43 -16.78 6.42
N ASN C 90 -25.11 -17.16 7.51
CA ASN C 90 -26.56 -17.34 7.52
C ASN C 90 -27.21 -16.11 8.15
N GLU C 91 -28.01 -15.38 7.36
CA GLU C 91 -28.55 -14.10 7.82
C GLU C 91 -29.40 -14.25 9.08
N HIS C 92 -30.24 -15.28 9.14
CA HIS C 92 -31.14 -15.42 10.28
C HIS C 92 -30.39 -15.89 11.54
N GLU C 93 -29.45 -16.81 11.37
CA GLU C 93 -28.67 -17.24 12.52
C GLU C 93 -27.80 -16.11 13.05
N VAL C 94 -27.29 -15.23 12.18
CA VAL C 94 -26.51 -14.10 12.68
C VAL C 94 -27.39 -13.10 13.41
N SER C 95 -28.61 -12.87 12.90
CA SER C 95 -29.56 -12.01 13.61
C SER C 95 -29.78 -12.53 15.02
N ARG C 96 -30.08 -13.82 15.13
CA ARG C 96 -30.31 -14.41 16.44
C ARG C 96 -29.05 -14.33 17.30
N LEU C 97 -27.88 -14.54 16.69
CA LEU C 97 -26.62 -14.49 17.42
C LEU C 97 -26.46 -13.15 18.12
N PHE C 98 -26.69 -12.06 17.39
CA PHE C 98 -26.50 -10.74 17.97
C PHE C 98 -27.56 -10.43 19.02
N GLN C 99 -28.82 -10.83 18.75
CA GLN C 99 -29.87 -10.62 19.75
C GLN C 99 -29.51 -11.33 21.05
N GLU C 100 -29.07 -12.60 20.97
CA GLU C 100 -28.73 -13.37 22.16
C GLU C 100 -27.50 -12.83 22.86
N ALA C 101 -26.47 -12.45 22.09
CA ALA C 101 -25.23 -11.99 22.69
C ALA C 101 -25.46 -10.70 23.47
N LYS C 102 -26.18 -9.74 22.86
CA LYS C 102 -26.44 -8.48 23.54
C LYS C 102 -27.26 -8.67 24.81
N ALA C 103 -28.17 -9.66 24.82
CA ALA C 103 -29.10 -9.85 25.91
C ALA C 103 -28.43 -10.35 27.18
N ILE C 104 -27.21 -10.88 27.10
CA ILE C 104 -26.57 -11.45 28.27
C ILE C 104 -26.28 -10.38 29.32
N ASN C 105 -25.68 -9.27 28.90
CA ASN C 105 -25.38 -8.20 29.82
C ASN C 105 -25.99 -6.88 29.41
N GLY C 106 -26.73 -6.85 28.31
CA GLY C 106 -27.41 -5.65 27.85
C GLY C 106 -26.65 -4.85 26.81
N ARG C 107 -25.36 -5.12 26.65
CA ARG C 107 -24.51 -4.41 25.70
C ARG C 107 -23.59 -5.40 25.02
N LEU C 108 -23.23 -5.09 23.77
CA LEU C 108 -22.21 -5.83 23.03
C LEU C 108 -21.12 -4.81 22.69
N ASP C 109 -20.07 -4.76 23.50
CA ASP C 109 -19.09 -3.67 23.38
C ASP C 109 -18.12 -3.90 22.23
N VAL C 110 -17.61 -5.13 22.08
CA VAL C 110 -16.54 -5.43 21.14
C VAL C 110 -16.97 -6.62 20.31
N VAL C 111 -16.77 -6.54 18.99
CA VAL C 111 -17.04 -7.67 18.10
C VAL C 111 -15.75 -8.01 17.36
N VAL C 112 -15.27 -9.24 17.52
CA VAL C 112 -14.12 -9.77 16.78
C VAL C 112 -14.62 -10.87 15.87
N HIS C 113 -14.32 -10.77 14.58
CA HIS C 113 -14.72 -11.74 13.58
C HIS C 113 -13.50 -12.50 13.09
N SER C 114 -13.30 -13.72 13.60
CA SER C 114 -12.16 -14.54 13.20
C SER C 114 -12.53 -15.83 12.49
N ALA C 115 -13.82 -16.11 12.31
CA ALA C 115 -14.23 -17.33 11.63
C ALA C 115 -13.97 -17.24 10.13
N GLY C 116 -13.44 -18.31 9.56
CA GLY C 116 -13.13 -18.30 8.15
C GLY C 116 -12.46 -19.60 7.74
N ILE C 117 -12.43 -19.82 6.42
CA ILE C 117 -11.85 -21.01 5.82
C ILE C 117 -10.82 -20.60 4.77
N MET C 118 -9.89 -21.51 4.50
CA MET C 118 -8.76 -21.23 3.60
C MET C 118 -8.52 -22.40 2.65
N PRO C 119 -9.50 -22.72 1.80
CA PRO C 119 -9.26 -23.78 0.82
C PRO C 119 -8.34 -23.28 -0.29
N MET C 120 -7.57 -24.22 -0.85
CA MET C 120 -6.60 -23.95 -1.90
C MET C 120 -7.21 -24.33 -3.24
N ALA C 121 -7.24 -23.39 -4.19
CA ALA C 121 -7.81 -23.67 -5.50
C ALA C 121 -7.27 -22.66 -6.51
N LYS C 122 -6.79 -23.15 -7.65
CA LYS C 122 -6.28 -22.24 -8.66
C LYS C 122 -7.43 -21.56 -9.39
N ILE C 123 -7.11 -20.47 -10.09
CA ILE C 123 -8.13 -19.74 -10.83
C ILE C 123 -8.37 -20.44 -12.17
N THR C 124 -9.29 -21.40 -12.17
CA THR C 124 -9.71 -22.22 -13.29
C THR C 124 -11.21 -22.46 -13.14
N PRO C 125 -11.93 -22.74 -14.22
CA PRO C 125 -13.38 -22.98 -14.07
C PRO C 125 -13.71 -24.10 -13.08
N GLU C 126 -12.87 -25.14 -13.00
CA GLU C 126 -13.15 -26.23 -12.07
C GLU C 126 -13.18 -25.77 -10.62
N SER C 127 -12.57 -24.62 -10.32
CA SER C 127 -12.53 -24.18 -8.94
C SER C 127 -13.75 -23.37 -8.53
N LEU C 128 -14.70 -23.12 -9.43
CA LEU C 128 -15.86 -22.31 -9.10
C LEU C 128 -16.57 -22.74 -7.81
N PRO C 129 -16.80 -24.04 -7.54
CA PRO C 129 -17.45 -24.39 -6.27
C PRO C 129 -16.70 -23.89 -5.05
N ASP C 130 -15.39 -24.19 -4.97
CA ASP C 130 -14.59 -23.73 -3.85
C ASP C 130 -14.56 -22.20 -3.77
N PHE C 131 -14.45 -21.53 -4.92
CA PHE C 131 -14.55 -20.08 -4.92
C PHE C 131 -15.86 -19.65 -4.25
N ASP C 132 -17.00 -20.22 -4.71
CA ASP C 132 -18.28 -19.86 -4.12
C ASP C 132 -18.29 -20.13 -2.63
N LYS C 133 -17.62 -21.20 -2.19
CA LYS C 133 -17.64 -21.52 -0.77
C LYS C 133 -16.91 -20.44 0.00
N VAL C 134 -15.70 -20.08 -0.43
CA VAL C 134 -14.91 -19.19 0.43
C VAL C 134 -15.55 -17.81 0.43
N ILE C 135 -15.97 -17.34 -0.75
CA ILE C 135 -16.68 -16.07 -0.83
C ILE C 135 -17.89 -16.09 0.09
N HIS C 136 -18.65 -17.18 0.09
CA HIS C 136 -19.84 -17.20 0.92
C HIS C 136 -19.46 -17.19 2.39
N THR C 137 -18.45 -17.97 2.77
CA THR C 137 -18.14 -18.10 4.19
C THR C 137 -17.36 -16.89 4.70
N ASN C 138 -16.35 -16.47 3.95
CA ASN C 138 -15.43 -15.45 4.42
C ASN C 138 -15.94 -14.04 4.14
N LEU C 139 -16.48 -13.79 2.94
CA LEU C 139 -16.84 -12.43 2.58
C LEU C 139 -18.27 -12.10 3.00
N ARG C 140 -19.25 -12.86 2.53
CA ARG C 140 -20.62 -12.65 2.99
C ARG C 140 -20.71 -12.76 4.50
N GLY C 141 -20.08 -13.79 5.06
CA GLY C 141 -19.99 -13.90 6.50
C GLY C 141 -19.48 -12.62 7.14
N ALA C 142 -18.35 -12.10 6.63
CA ALA C 142 -17.80 -10.86 7.17
C ALA C 142 -18.82 -9.73 7.05
N PHE C 143 -19.45 -9.62 5.86
CA PHE C 143 -20.44 -8.58 5.68
C PHE C 143 -21.55 -8.69 6.71
N LEU C 144 -22.02 -9.90 6.98
CA LEU C 144 -23.10 -10.02 7.94
C LEU C 144 -22.63 -9.57 9.33
N ILE C 145 -21.47 -10.08 9.77
CA ILE C 145 -21.04 -9.77 11.13
C ILE C 145 -20.81 -8.27 11.29
N LEU C 146 -20.05 -7.68 10.34
CA LEU C 146 -19.82 -6.24 10.37
C LEU C 146 -21.15 -5.48 10.37
N ALA C 147 -22.08 -5.87 9.50
CA ALA C 147 -23.33 -5.13 9.43
C ALA C 147 -24.08 -5.24 10.74
N HIS C 148 -24.15 -6.45 11.30
CA HIS C 148 -24.89 -6.55 12.54
C HIS C 148 -24.14 -5.84 13.64
N ALA C 149 -22.79 -5.89 13.61
CA ALA C 149 -22.03 -5.19 14.63
C ALA C 149 -22.30 -3.70 14.53
N ALA C 150 -22.38 -3.18 13.30
CA ALA C 150 -22.63 -1.75 13.13
C ALA C 150 -23.95 -1.36 13.78
N GLU C 151 -24.92 -2.28 13.79
CA GLU C 151 -26.23 -1.98 14.32
C GLU C 151 -26.35 -2.20 15.83
N THR C 152 -25.38 -2.89 16.44
CA THR C 152 -25.56 -3.39 17.79
C THR C 152 -24.61 -2.79 18.81
N VAL C 153 -23.38 -2.50 18.41
CA VAL C 153 -22.32 -2.05 19.31
C VAL C 153 -22.66 -0.65 19.82
N PRO C 154 -22.44 -0.32 21.10
CA PRO C 154 -22.74 1.04 21.57
C PRO C 154 -21.69 2.02 21.07
N ASP C 155 -22.01 3.32 21.17
CA ASP C 155 -20.99 4.33 20.98
C ASP C 155 -19.81 4.03 21.88
N GLY C 156 -18.59 4.22 21.36
CA GLY C 156 -17.39 3.85 22.08
C GLY C 156 -16.90 2.43 21.85
N GLY C 157 -17.65 1.60 21.13
CA GLY C 157 -17.30 0.21 20.95
C GLY C 157 -16.19 0.00 19.91
N ARG C 158 -15.90 -1.28 19.65
CA ARG C 158 -14.83 -1.67 18.73
C ARG C 158 -15.24 -2.85 17.86
N ILE C 159 -14.87 -2.78 16.57
CA ILE C 159 -15.12 -3.86 15.63
C ILE C 159 -13.80 -4.24 14.98
N ILE C 160 -13.46 -5.53 15.05
CA ILE C 160 -12.17 -6.04 14.61
C ILE C 160 -12.40 -7.27 13.74
N ALA C 161 -11.94 -7.23 12.49
CA ALA C 161 -12.00 -8.37 11.60
C ALA C 161 -10.61 -8.98 11.45
N LEU C 162 -10.57 -10.29 11.21
CA LEU C 162 -9.31 -10.94 10.88
C LEU C 162 -9.17 -11.06 9.37
N SER C 163 -8.01 -10.66 8.86
CA SER C 163 -7.65 -10.74 7.46
C SER C 163 -6.54 -11.77 7.29
N THR C 164 -5.58 -11.50 6.40
CA THR C 164 -4.42 -12.40 6.24
C THR C 164 -3.26 -11.63 5.63
N SER C 165 -2.04 -12.00 6.06
CA SER C 165 -0.84 -11.40 5.47
C SER C 165 -0.56 -11.95 4.08
N VAL C 166 -1.14 -13.09 3.70
CA VAL C 166 -0.79 -13.71 2.43
C VAL C 166 -1.24 -12.84 1.25
N ILE C 167 -2.11 -11.85 1.48
CA ILE C 167 -2.49 -10.93 0.42
C ILE C 167 -1.24 -10.30 -0.19
N ALA C 168 -0.23 -10.03 0.65
CA ALA C 168 1.00 -9.44 0.12
C ALA C 168 1.75 -10.38 -0.83
N LYS C 169 1.50 -11.69 -0.75
CA LYS C 169 2.29 -12.66 -1.51
C LYS C 169 1.62 -13.14 -2.80
N SER C 170 0.30 -13.28 -2.83
CA SER C 170 -0.42 -13.69 -4.05
C SER C 170 0.04 -15.04 -4.56
N PHE C 171 0.24 -15.98 -3.64
CA PHE C 171 0.74 -17.31 -3.98
C PHE C 171 -0.28 -18.05 -4.84
N PRO C 172 0.17 -18.91 -5.75
CA PRO C 172 -0.76 -19.78 -6.47
C PRO C 172 -1.68 -20.56 -5.52
N ALA C 173 -2.92 -20.76 -5.96
CA ALA C 173 -3.99 -21.48 -5.28
C ALA C 173 -4.63 -20.65 -4.15
N TYR C 174 -4.11 -19.47 -3.82
CA TYR C 174 -4.68 -18.61 -2.78
C TYR C 174 -5.64 -17.57 -3.33
N GLY C 175 -5.94 -17.63 -4.63
CA GLY C 175 -6.77 -16.64 -5.28
C GLY C 175 -8.10 -16.40 -4.58
N PRO C 176 -8.93 -17.44 -4.47
CA PRO C 176 -10.24 -17.22 -3.83
C PRO C 176 -10.12 -16.74 -2.38
N TYR C 177 -9.20 -17.31 -1.62
CA TYR C 177 -9.00 -16.88 -0.23
C TYR C 177 -8.61 -15.41 -0.16
N ILE C 178 -7.56 -15.02 -0.92
CA ILE C 178 -7.13 -13.63 -0.95
C ILE C 178 -8.27 -12.72 -1.37
N ALA C 179 -9.04 -13.11 -2.40
CA ALA C 179 -10.13 -12.25 -2.86
C ALA C 179 -11.14 -12.00 -1.75
N SER C 180 -11.50 -13.07 -1.03
CA SER C 180 -12.44 -12.89 0.08
C SER C 180 -11.89 -11.96 1.16
N LYS C 181 -10.60 -12.10 1.50
CA LYS C 181 -10.04 -11.31 2.60
C LYS C 181 -9.75 -9.86 2.21
N ALA C 182 -9.39 -9.62 0.94
CA ALA C 182 -9.27 -8.26 0.45
C ALA C 182 -10.62 -7.58 0.46
N GLY C 183 -11.68 -8.32 0.13
CA GLY C 183 -13.02 -7.79 0.26
C GLY C 183 -13.34 -7.39 1.70
N VAL C 184 -12.92 -8.24 2.64
CA VAL C 184 -13.13 -7.92 4.06
C VAL C 184 -12.43 -6.61 4.42
N GLU C 185 -11.16 -6.46 4.04
CA GLU C 185 -10.47 -5.21 4.36
C GLU C 185 -11.19 -4.00 3.76
N GLY C 186 -11.69 -4.14 2.52
CA GLY C 186 -12.47 -3.05 1.93
C GLY C 186 -13.70 -2.68 2.76
N LEU C 187 -14.43 -3.70 3.22
CA LEU C 187 -15.56 -3.44 4.11
C LEU C 187 -15.10 -2.71 5.39
N VAL C 188 -13.98 -3.13 5.94
CA VAL C 188 -13.47 -2.53 7.18
C VAL C 188 -13.27 -1.03 7.00
N HIS C 189 -12.57 -0.64 5.92
CA HIS C 189 -12.28 0.79 5.72
C HIS C 189 -13.55 1.58 5.49
N VAL C 190 -14.50 1.03 4.72
CA VAL C 190 -15.72 1.79 4.49
C VAL C 190 -16.54 1.90 5.77
N LEU C 191 -16.61 0.83 6.56
CA LEU C 191 -17.39 0.86 7.80
C LEU C 191 -16.84 1.89 8.79
N ALA C 192 -15.51 2.04 8.86
CA ALA C 192 -14.96 3.04 9.77
C ALA C 192 -15.47 4.44 9.43
N ASN C 193 -15.68 4.72 8.14
CA ASN C 193 -16.24 6.01 7.74
C ASN C 193 -17.74 6.05 7.96
N GLU C 194 -18.44 4.96 7.69
CA GLU C 194 -19.90 4.94 7.90
C GLU C 194 -20.28 5.12 9.37
N LEU C 195 -19.40 4.77 10.31
CA LEU C 195 -19.70 4.91 11.73
C LEU C 195 -19.23 6.23 12.31
N ARG C 196 -18.85 7.19 11.46
CA ARG C 196 -18.52 8.55 11.91
C ARG C 196 -19.60 9.07 12.84
N GLY C 197 -19.18 9.66 13.95
CA GLY C 197 -20.11 10.20 14.93
C GLY C 197 -20.49 9.25 16.03
N ARG C 198 -20.15 7.97 15.92
CA ARG C 198 -20.46 6.96 16.93
C ARG C 198 -19.26 6.58 17.80
N ASN C 199 -18.09 7.16 17.57
CA ASN C 199 -16.88 6.78 18.31
C ASN C 199 -16.68 5.27 18.32
N ILE C 200 -16.70 4.67 17.14
CA ILE C 200 -16.50 3.24 16.98
C ILE C 200 -15.35 3.03 16.00
N THR C 201 -14.28 2.40 16.45
CA THR C 201 -13.19 2.07 15.55
C THR C 201 -13.46 0.74 14.87
N VAL C 202 -13.03 0.63 13.62
CA VAL C 202 -13.10 -0.60 12.86
C VAL C 202 -11.70 -0.88 12.32
N ASN C 203 -11.16 -2.04 12.63
CA ASN C 203 -9.82 -2.39 12.22
C ASN C 203 -9.77 -3.86 11.82
N ALA C 204 -8.65 -4.26 11.19
CA ALA C 204 -8.38 -5.66 10.91
C ALA C 204 -7.00 -6.04 11.39
N VAL C 205 -6.85 -7.31 11.73
CA VAL C 205 -5.56 -7.90 12.06
C VAL C 205 -5.29 -8.99 11.04
N ALA C 206 -4.08 -9.00 10.48
CA ALA C 206 -3.74 -9.83 9.32
C ALA C 206 -2.59 -10.76 9.68
N PRO C 207 -2.89 -11.93 10.25
CA PRO C 207 -1.80 -12.84 10.66
C PRO C 207 -1.09 -13.43 9.46
N GLY C 208 0.19 -13.75 9.66
CA GLY C 208 0.88 -14.65 8.78
C GLY C 208 0.60 -16.06 9.25
N PRO C 209 1.41 -17.03 8.81
CA PRO C 209 1.20 -18.42 9.27
C PRO C 209 1.36 -18.50 10.79
N THR C 210 0.50 -19.30 11.42
CA THR C 210 0.42 -19.40 12.87
C THR C 210 0.34 -20.86 13.29
N GLY C 211 0.97 -21.22 14.41
CA GLY C 211 1.00 -22.59 14.88
C GLY C 211 -0.31 -23.16 15.41
N THR C 212 -1.32 -23.27 14.57
CA THR C 212 -2.61 -23.84 14.94
C THR C 212 -2.69 -25.32 14.57
N ASP C 213 -3.68 -25.99 15.16
CA ASP C 213 -3.97 -27.37 14.79
C ASP C 213 -4.09 -27.52 13.29
N LEU C 214 -4.91 -26.65 12.67
CA LEU C 214 -5.12 -26.73 11.24
C LEU C 214 -3.80 -26.53 10.48
N PHE C 215 -3.00 -25.55 10.90
CA PHE C 215 -1.76 -25.27 10.17
C PHE C 215 -0.85 -26.48 10.17
N TYR C 216 -0.67 -27.11 11.34
CA TYR C 216 0.22 -28.27 11.42
C TYR C 216 -0.35 -29.47 10.68
N ASN C 217 -1.68 -29.61 10.62
CA ASN C 217 -2.26 -30.74 9.90
C ASN C 217 -1.83 -30.76 8.44
N GLY C 218 -1.72 -29.59 7.82
CA GLY C 218 -1.41 -29.51 6.40
C GLY C 218 0.05 -29.45 6.02
N LYS C 219 1.00 -29.62 6.96
CA LYS C 219 2.41 -29.50 6.62
C LYS C 219 3.23 -30.62 7.23
N THR C 220 4.25 -31.05 6.50
CA THR C 220 5.28 -31.91 7.08
C THR C 220 6.19 -31.07 7.97
N ASP C 221 7.05 -31.76 8.73
CA ASP C 221 8.00 -31.03 9.56
C ASP C 221 8.98 -30.23 8.71
N GLU C 222 9.43 -30.81 7.59
CA GLU C 222 10.31 -30.08 6.69
C GLU C 222 9.64 -28.82 6.16
N GLN C 223 8.36 -28.93 5.80
CA GLN C 223 7.63 -27.76 5.32
C GLN C 223 7.49 -26.71 6.43
N VAL C 224 7.22 -27.15 7.65
CA VAL C 224 7.12 -26.21 8.77
C VAL C 224 8.43 -25.45 8.96
N ALA C 225 9.56 -26.18 8.96
CA ALA C 225 10.86 -25.54 9.11
C ALA C 225 11.12 -24.52 8.01
N ALA C 226 10.78 -24.88 6.77
CA ALA C 226 10.92 -23.94 5.66
C ALA C 226 10.10 -22.68 5.88
N ILE C 227 8.86 -22.83 6.37
CA ILE C 227 8.00 -21.66 6.62
C ILE C 227 8.60 -20.82 7.74
N ALA C 228 9.16 -21.48 8.75
CA ALA C 228 9.71 -20.78 9.90
C ALA C 228 10.82 -19.84 9.48
N LYS C 229 11.72 -20.32 8.61
CA LYS C 229 12.82 -19.45 8.20
C LYS C 229 12.40 -18.28 7.30
N LEU C 230 11.12 -18.15 6.92
CA LEU C 230 10.74 -17.05 6.04
C LEU C 230 10.73 -15.71 6.78
N ALA C 231 10.37 -15.71 8.04
CA ALA C 231 10.37 -14.48 8.82
C ALA C 231 11.78 -14.20 9.34
N PRO C 232 12.20 -12.93 9.40
CA PRO C 232 13.51 -12.64 10.00
C PRO C 232 13.65 -13.18 11.40
N LEU C 233 12.52 -13.31 12.12
CA LEU C 233 12.51 -13.88 13.47
C LEU C 233 12.68 -15.41 13.47
N GLU C 234 12.49 -16.07 12.33
CA GLU C 234 12.87 -17.47 12.12
C GLU C 234 12.17 -18.42 13.10
N ARG C 235 10.86 -18.29 13.20
CA ARG C 235 10.04 -19.31 13.85
C ARG C 235 8.64 -19.16 13.31
N ILE C 236 7.76 -20.02 13.77
CA ILE C 236 6.35 -19.91 13.45
C ILE C 236 5.73 -19.00 14.49
N GLY C 237 4.80 -18.14 14.08
CA GLY C 237 4.05 -17.33 15.04
C GLY C 237 3.02 -18.14 15.81
N THR C 238 2.69 -17.67 17.01
CA THR C 238 1.70 -18.37 17.82
C THR C 238 0.37 -17.65 17.86
N PRO C 239 -0.74 -18.37 18.14
CA PRO C 239 -2.04 -17.70 18.27
C PRO C 239 -2.05 -16.59 19.32
N ASP C 240 -1.39 -16.81 20.45
CA ASP C 240 -1.35 -15.80 21.50
C ASP C 240 -0.70 -14.52 20.99
N GLU C 241 0.26 -14.66 20.07
CA GLU C 241 0.94 -13.48 19.55
C GLU C 241 0.05 -12.67 18.61
N ILE C 242 -0.94 -13.31 17.98
CA ILE C 242 -1.96 -12.58 17.24
C ILE C 242 -2.95 -11.93 18.21
N ALA C 243 -3.38 -12.71 19.21
CA ALA C 243 -4.39 -12.25 20.15
C ALA C 243 -3.95 -11.00 20.89
N GLY C 244 -2.67 -10.88 21.23
CA GLY C 244 -2.21 -9.68 21.92
C GLY C 244 -2.49 -8.40 21.15
N VAL C 245 -2.33 -8.44 19.82
CA VAL C 245 -2.59 -7.25 19.01
C VAL C 245 -4.10 -6.99 18.93
N VAL C 246 -4.88 -8.05 18.75
CA VAL C 246 -6.35 -7.87 18.83
C VAL C 246 -6.74 -7.23 20.17
N ALA C 247 -6.13 -7.67 21.26
CA ALA C 247 -6.49 -7.13 22.57
C ALA C 247 -6.13 -5.66 22.68
N MET C 248 -4.98 -5.27 22.11
CA MET C 248 -4.63 -3.86 22.06
C MET C 248 -5.72 -3.07 21.35
N LEU C 249 -6.16 -3.55 20.17
CA LEU C 249 -7.19 -2.82 19.44
C LEU C 249 -8.51 -2.77 20.21
N ALA C 250 -8.77 -3.77 21.04
CA ALA C 250 -10.02 -3.81 21.78
C ALA C 250 -10.00 -2.96 23.05
N GLY C 251 -8.82 -2.50 23.47
CA GLY C 251 -8.70 -1.83 24.74
C GLY C 251 -8.22 -0.39 24.66
N PRO C 252 -7.77 0.14 25.79
CA PRO C 252 -7.45 1.58 25.85
C PRO C 252 -6.32 2.01 24.91
N ASP C 253 -5.29 1.19 24.71
CA ASP C 253 -4.17 1.60 23.87
C ASP C 253 -4.52 1.63 22.39
N GLY C 254 -5.66 1.09 21.98
CA GLY C 254 -6.11 1.12 20.61
C GLY C 254 -7.10 2.22 20.26
N ARG C 255 -7.39 3.12 21.20
CA ARG C 255 -8.46 4.11 21.04
C ARG C 255 -8.31 4.98 19.78
N TRP C 256 -7.09 5.26 19.34
CA TRP C 256 -6.89 6.14 18.20
C TRP C 256 -6.44 5.39 16.95
N VAL C 257 -6.37 4.06 17.01
CA VAL C 257 -6.15 3.22 15.83
C VAL C 257 -7.50 2.93 15.19
N ASN C 258 -7.68 3.35 13.94
CA ASN C 258 -8.97 3.24 13.28
C ASN C 258 -8.80 3.11 11.77
N SER C 259 -9.57 2.21 11.15
CA SER C 259 -9.46 1.91 9.71
C SER C 259 -8.08 1.38 9.32
N GLN C 260 -7.47 0.57 10.17
CA GLN C 260 -6.14 0.03 9.93
C GLN C 260 -6.17 -1.48 9.77
N VAL C 261 -5.28 -1.99 8.93
CA VAL C 261 -5.02 -3.42 8.86
C VAL C 261 -3.61 -3.66 9.41
N ILE C 262 -3.52 -4.26 10.59
CA ILE C 262 -2.23 -4.49 11.23
C ILE C 262 -1.75 -5.90 10.87
N ARG C 263 -0.62 -5.99 10.18
CA ARG C 263 -0.08 -7.28 9.79
C ARG C 263 0.85 -7.79 10.89
N VAL C 264 0.60 -9.03 11.33
CA VAL C 264 1.31 -9.64 12.45
C VAL C 264 1.89 -10.94 11.93
N ASN C 265 3.15 -10.90 11.50
CA ASN C 265 3.71 -12.01 10.74
C ASN C 265 5.21 -12.21 10.97
N GLY C 266 5.79 -11.60 12.00
CA GLY C 266 7.21 -11.76 12.23
C GLY C 266 8.10 -11.09 11.22
N GLY C 267 7.55 -10.21 10.37
CA GLY C 267 8.34 -9.60 9.33
C GLY C 267 8.31 -10.33 8.02
N PHE C 268 7.46 -11.34 7.90
CA PHE C 268 7.19 -12.04 6.64
C PHE C 268 6.29 -11.19 5.75
N ILE D 27 -7.76 -15.97 -41.55
CA ILE D 27 -8.52 -15.33 -40.49
C ILE D 27 -7.74 -15.38 -39.17
N SER D 28 -6.40 -15.45 -39.27
CA SER D 28 -5.54 -15.39 -38.09
C SER D 28 -5.17 -13.94 -37.77
N ARG D 29 -6.20 -13.15 -37.49
CA ARG D 29 -6.04 -11.83 -36.92
C ARG D 29 -6.05 -11.94 -35.40
N LYS D 30 -5.14 -11.21 -34.75
CA LYS D 30 -5.19 -11.08 -33.30
C LYS D 30 -6.58 -10.62 -32.86
N THR D 31 -7.07 -11.23 -31.78
CA THR D 31 -8.45 -11.08 -31.35
C THR D 31 -8.53 -10.73 -29.87
N ALA D 32 -9.42 -9.78 -29.55
CA ALA D 32 -9.63 -9.33 -28.18
C ALA D 32 -11.10 -9.50 -27.80
N LEU D 33 -11.33 -10.04 -26.62
CA LEU D 33 -12.67 -10.15 -26.04
C LEU D 33 -12.83 -9.09 -24.96
N VAL D 34 -13.86 -8.26 -25.08
CA VAL D 34 -14.11 -7.18 -24.12
C VAL D 34 -15.48 -7.38 -23.50
N THR D 35 -15.53 -7.64 -22.19
CA THR D 35 -16.83 -7.67 -21.52
C THR D 35 -17.25 -6.25 -21.17
N GLY D 36 -18.57 -6.04 -21.12
CA GLY D 36 -19.09 -4.69 -20.88
C GLY D 36 -18.77 -3.70 -21.99
N ALA D 37 -18.64 -4.17 -23.23
CA ALA D 37 -18.24 -3.29 -24.32
C ALA D 37 -19.40 -2.52 -24.93
N SER D 38 -20.59 -2.57 -24.33
CA SER D 38 -21.75 -1.87 -24.89
C SER D 38 -21.58 -0.35 -24.81
N ARG D 39 -21.15 0.15 -23.64
CA ARG D 39 -21.15 1.59 -23.39
C ARG D 39 -19.92 2.00 -22.58
N GLY D 40 -19.71 3.31 -22.54
CA GLY D 40 -18.78 3.89 -21.58
C GLY D 40 -17.36 3.43 -21.80
N ILE D 41 -16.71 3.03 -20.70
CA ILE D 41 -15.31 2.66 -20.77
C ILE D 41 -15.12 1.38 -21.60
N GLY D 42 -16.01 0.40 -21.41
CA GLY D 42 -15.89 -0.82 -22.19
C GLY D 42 -15.97 -0.55 -23.69
N ARG D 43 -16.89 0.32 -24.10
CA ARG D 43 -17.01 0.68 -25.50
C ARG D 43 -15.76 1.40 -25.98
N ALA D 44 -15.22 2.31 -25.17
CA ALA D 44 -13.99 3.01 -25.57
C ALA D 44 -12.83 2.04 -25.72
N ILE D 45 -12.78 1.02 -24.86
CA ILE D 45 -11.75 0.00 -24.95
C ILE D 45 -11.88 -0.78 -26.25
N ALA D 46 -13.09 -1.27 -26.53
CA ALA D 46 -13.35 -2.00 -27.78
C ALA D 46 -12.95 -1.16 -29.00
N GLU D 47 -13.33 0.13 -28.99
CA GLU D 47 -13.01 1.00 -30.13
C GLU D 47 -11.51 1.17 -30.31
N ARG D 48 -10.78 1.40 -29.20
CA ARG D 48 -9.34 1.60 -29.28
C ARG D 48 -8.63 0.33 -29.73
N LEU D 49 -9.03 -0.82 -29.21
CA LEU D 49 -8.37 -2.07 -29.60
C LEU D 49 -8.64 -2.38 -31.07
N ALA D 50 -9.84 -2.07 -31.56
CA ALA D 50 -10.11 -2.21 -32.99
C ALA D 50 -9.20 -1.31 -33.80
N GLN D 51 -9.08 -0.05 -33.39
CA GLN D 51 -8.13 0.87 -34.03
C GLN D 51 -6.70 0.33 -33.99
N ASP D 52 -6.33 -0.38 -32.92
CA ASP D 52 -4.99 -0.96 -32.81
C ASP D 52 -4.82 -2.25 -33.59
N GLY D 53 -5.87 -2.75 -34.25
CA GLY D 53 -5.76 -3.89 -35.15
C GLY D 53 -6.42 -5.17 -34.68
N PHE D 54 -7.00 -5.22 -33.49
CA PHE D 54 -7.65 -6.43 -33.01
C PHE D 54 -9.03 -6.59 -33.64
N TYR D 55 -9.38 -7.81 -34.03
CA TYR D 55 -10.79 -8.19 -34.12
C TYR D 55 -11.35 -8.16 -32.71
N VAL D 56 -12.51 -7.51 -32.52
CA VAL D 56 -13.05 -7.29 -31.18
C VAL D 56 -14.39 -8.03 -31.03
N ILE D 57 -14.45 -8.86 -30.01
CA ILE D 57 -15.72 -9.43 -29.56
C ILE D 57 -16.29 -8.52 -28.49
N VAL D 58 -17.44 -7.93 -28.79
CA VAL D 58 -18.17 -7.03 -27.90
C VAL D 58 -19.14 -7.90 -27.10
N ASN D 59 -18.81 -8.16 -25.84
CA ASN D 59 -19.68 -8.98 -25.00
C ASN D 59 -20.65 -8.08 -24.26
N TYR D 60 -21.89 -8.53 -24.18
CA TYR D 60 -22.91 -7.77 -23.47
C TYR D 60 -23.86 -8.75 -22.79
N ALA D 61 -24.66 -8.25 -21.85
CA ALA D 61 -25.55 -9.10 -21.07
C ALA D 61 -27.03 -8.85 -21.35
N GLY D 62 -27.44 -7.58 -21.39
CA GLY D 62 -28.87 -7.29 -21.49
C GLY D 62 -29.38 -7.05 -22.90
N ASN D 63 -29.90 -5.85 -23.13
CA ASN D 63 -30.40 -5.48 -24.45
C ASN D 63 -29.25 -5.27 -25.42
N LYS D 64 -29.47 -5.68 -26.68
CA LYS D 64 -28.44 -5.74 -27.70
C LYS D 64 -28.08 -4.39 -28.32
N ALA D 65 -28.91 -3.36 -28.14
CA ALA D 65 -28.86 -2.20 -29.03
C ALA D 65 -27.51 -1.49 -28.97
N HIS D 66 -27.03 -1.21 -27.76
CA HIS D 66 -25.78 -0.46 -27.65
C HIS D 66 -24.58 -1.28 -28.11
N ALA D 67 -24.58 -2.59 -27.81
CA ALA D 67 -23.50 -3.43 -28.30
C ALA D 67 -23.48 -3.47 -29.83
N GLN D 68 -24.66 -3.60 -30.45
CA GLN D 68 -24.73 -3.54 -31.90
C GLN D 68 -24.21 -2.21 -32.42
N ALA D 69 -24.56 -1.11 -31.75
CA ALA D 69 -24.03 0.19 -32.15
C ALA D 69 -22.50 0.22 -32.08
N THR D 70 -21.93 -0.40 -31.05
CA THR D 70 -20.48 -0.43 -30.94
C THR D 70 -19.85 -1.22 -32.09
N VAL D 71 -20.44 -2.38 -32.40
CA VAL D 71 -19.91 -3.21 -33.48
C VAL D 71 -19.99 -2.47 -34.80
N GLU D 72 -21.15 -1.85 -35.07
CA GLU D 72 -21.33 -1.10 -36.30
C GLU D 72 -20.33 0.04 -36.41
N HIS D 73 -20.10 0.76 -35.31
CA HIS D 73 -19.12 1.86 -35.37
C HIS D 73 -17.73 1.34 -35.65
N ILE D 74 -17.33 0.25 -34.98
CA ILE D 74 -16.02 -0.33 -35.25
C ILE D 74 -15.89 -0.70 -36.73
N ILE D 75 -16.89 -1.41 -37.27
CA ILE D 75 -16.81 -1.86 -38.67
C ILE D 75 -16.73 -0.67 -39.61
N GLU D 76 -17.52 0.38 -39.33
CA GLU D 76 -17.53 1.54 -40.21
C GLU D 76 -16.23 2.31 -40.14
N GLN D 77 -15.51 2.22 -39.03
CA GLN D 77 -14.21 2.86 -38.89
C GLN D 77 -13.09 2.05 -39.53
N GLY D 78 -13.41 0.90 -40.13
CA GLY D 78 -12.42 0.07 -40.77
C GLY D 78 -11.98 -1.14 -39.99
N GLY D 79 -12.61 -1.46 -38.87
CA GLY D 79 -12.23 -2.58 -38.04
C GLY D 79 -13.10 -3.80 -38.29
N GLN D 80 -12.90 -4.82 -37.45
CA GLN D 80 -13.65 -6.06 -37.51
C GLN D 80 -14.18 -6.37 -36.12
N ALA D 81 -15.46 -6.71 -36.02
CA ALA D 81 -16.03 -6.92 -34.70
C ALA D 81 -17.33 -7.70 -34.81
N SER D 82 -17.68 -8.37 -33.72
CA SER D 82 -19.02 -8.91 -33.58
C SER D 82 -19.41 -8.91 -32.12
N ALA D 83 -20.71 -9.04 -31.84
CA ALA D 83 -21.23 -8.99 -30.48
C ALA D 83 -21.74 -10.36 -30.03
N ILE D 84 -21.34 -10.76 -28.82
CA ILE D 84 -21.81 -11.99 -28.19
C ILE D 84 -22.48 -11.65 -26.86
N GLN D 85 -23.71 -12.14 -26.71
CA GLN D 85 -24.44 -12.01 -25.45
C GLN D 85 -24.01 -13.12 -24.48
N ALA D 86 -23.83 -12.74 -23.21
CA ALA D 86 -23.54 -13.69 -22.13
C ALA D 86 -23.52 -12.94 -20.81
N ASP D 87 -24.12 -13.54 -19.78
CA ASP D 87 -23.98 -13.08 -18.41
C ASP D 87 -22.63 -13.54 -17.87
N VAL D 88 -21.73 -12.60 -17.58
CA VAL D 88 -20.38 -12.95 -17.13
C VAL D 88 -20.40 -13.71 -15.80
N ALA D 89 -21.45 -13.59 -15.00
CA ALA D 89 -21.48 -14.26 -13.69
C ALA D 89 -22.19 -15.61 -13.74
N ASN D 90 -22.63 -16.06 -14.91
CA ASN D 90 -23.28 -17.35 -15.09
C ASN D 90 -22.26 -18.33 -15.68
N GLU D 91 -22.02 -19.45 -14.98
CA GLU D 91 -20.93 -20.34 -15.41
C GLU D 91 -21.23 -21.00 -16.77
N HIS D 92 -22.48 -21.40 -16.99
CA HIS D 92 -22.84 -22.04 -18.26
C HIS D 92 -22.73 -21.07 -19.43
N GLU D 93 -23.23 -19.85 -19.25
CA GLU D 93 -23.14 -18.85 -20.30
C GLU D 93 -21.70 -18.41 -20.55
N VAL D 94 -20.85 -18.35 -19.52
CA VAL D 94 -19.45 -17.97 -19.76
C VAL D 94 -18.72 -19.06 -20.52
N SER D 95 -18.96 -20.33 -20.18
CA SER D 95 -18.40 -21.42 -20.97
C SER D 95 -18.77 -21.26 -22.43
N ARG D 96 -20.07 -21.07 -22.69
CA ARG D 96 -20.52 -20.84 -24.07
C ARG D 96 -19.81 -19.64 -24.70
N LEU D 97 -19.67 -18.55 -23.94
CA LEU D 97 -19.07 -17.33 -24.50
C LEU D 97 -17.64 -17.57 -24.94
N PHE D 98 -16.87 -18.30 -24.14
CA PHE D 98 -15.48 -18.50 -24.51
C PHE D 98 -15.34 -19.48 -25.66
N GLN D 99 -16.20 -20.51 -25.72
CA GLN D 99 -16.25 -21.36 -26.90
C GLN D 99 -16.49 -20.52 -28.17
N GLU D 100 -17.59 -19.75 -28.18
CA GLU D 100 -17.93 -18.95 -29.35
C GLU D 100 -16.83 -17.97 -29.71
N ALA D 101 -16.28 -17.28 -28.70
CA ALA D 101 -15.29 -16.25 -28.97
C ALA D 101 -14.01 -16.85 -29.56
N LYS D 102 -13.55 -17.97 -29.00
CA LYS D 102 -12.35 -18.58 -29.57
C LYS D 102 -12.61 -19.09 -30.99
N ALA D 103 -13.81 -19.57 -31.28
CA ALA D 103 -14.06 -20.17 -32.59
C ALA D 103 -14.01 -19.17 -33.75
N ILE D 104 -14.18 -17.88 -33.49
CA ILE D 104 -14.23 -16.90 -34.60
C ILE D 104 -12.94 -16.97 -35.41
N ASN D 105 -11.80 -16.86 -34.75
CA ASN D 105 -10.51 -16.84 -35.41
C ASN D 105 -9.57 -17.94 -34.91
N GLY D 106 -10.06 -18.85 -34.08
CA GLY D 106 -9.19 -19.87 -33.52
C GLY D 106 -8.21 -19.36 -32.48
N ARG D 107 -8.43 -18.17 -31.93
CA ARG D 107 -7.48 -17.58 -31.01
C ARG D 107 -8.18 -16.50 -30.20
N LEU D 108 -7.68 -16.30 -28.98
CA LEU D 108 -8.16 -15.23 -28.10
C LEU D 108 -6.93 -14.63 -27.44
N ASP D 109 -6.32 -13.64 -28.11
CA ASP D 109 -5.03 -13.11 -27.67
C ASP D 109 -5.17 -12.19 -26.47
N VAL D 110 -6.22 -11.37 -26.42
CA VAL D 110 -6.37 -10.41 -25.34
C VAL D 110 -7.77 -10.55 -24.74
N VAL D 111 -7.84 -10.44 -23.42
CA VAL D 111 -9.13 -10.46 -22.74
C VAL D 111 -9.17 -9.27 -21.78
N VAL D 112 -10.17 -8.40 -21.97
CA VAL D 112 -10.40 -7.25 -21.09
C VAL D 112 -11.76 -7.44 -20.43
N HIS D 113 -11.77 -7.54 -19.11
CA HIS D 113 -13.00 -7.65 -18.34
C HIS D 113 -13.38 -6.28 -17.78
N SER D 114 -14.40 -5.68 -18.37
CA SER D 114 -14.84 -4.34 -17.99
C SER D 114 -16.25 -4.30 -17.41
N ALA D 115 -17.02 -5.40 -17.51
CA ALA D 115 -18.39 -5.40 -17.02
C ALA D 115 -18.46 -5.30 -15.51
N GLY D 116 -19.41 -4.51 -15.02
CA GLY D 116 -19.60 -4.39 -13.59
C GLY D 116 -20.72 -3.44 -13.27
N ILE D 117 -21.14 -3.48 -12.00
CA ILE D 117 -22.20 -2.62 -11.49
C ILE D 117 -21.72 -1.93 -10.22
N MET D 118 -22.28 -0.75 -9.96
CA MET D 118 -21.83 0.10 -8.86
C MET D 118 -23.03 0.67 -8.11
N PRO D 119 -23.86 -0.19 -7.51
CA PRO D 119 -24.94 0.33 -6.66
C PRO D 119 -24.41 0.75 -5.30
N MET D 120 -25.10 1.72 -4.71
CA MET D 120 -24.80 2.22 -3.38
C MET D 120 -25.60 1.45 -2.33
N ALA D 121 -24.92 0.97 -1.29
CA ALA D 121 -25.59 0.33 -0.17
C ALA D 121 -24.69 0.37 1.05
N LYS D 122 -25.20 0.91 2.15
CA LYS D 122 -24.42 0.95 3.38
C LYS D 122 -24.30 -0.43 3.98
N ILE D 123 -23.29 -0.60 4.83
CA ILE D 123 -23.02 -1.90 5.45
C ILE D 123 -23.99 -2.08 6.61
N THR D 124 -25.19 -2.58 6.30
CA THR D 124 -26.29 -2.81 7.21
C THR D 124 -26.99 -4.08 6.79
N PRO D 125 -27.73 -4.75 7.70
CA PRO D 125 -28.43 -5.99 7.31
C PRO D 125 -29.34 -5.83 6.11
N GLU D 126 -30.11 -4.74 6.02
CA GLU D 126 -31.04 -4.55 4.91
C GLU D 126 -30.34 -4.49 3.56
N SER D 127 -29.02 -4.25 3.54
CA SER D 127 -28.25 -4.20 2.32
C SER D 127 -27.78 -5.57 1.84
N LEU D 128 -28.05 -6.62 2.60
CA LEU D 128 -27.60 -7.95 2.18
C LEU D 128 -27.98 -8.29 0.73
N PRO D 129 -29.21 -8.05 0.25
CA PRO D 129 -29.48 -8.32 -1.18
C PRO D 129 -28.55 -7.57 -2.12
N ASP D 130 -28.43 -6.25 -1.97
CA ASP D 130 -27.52 -5.47 -2.81
C ASP D 130 -26.10 -6.04 -2.75
N PHE D 131 -25.62 -6.32 -1.54
CA PHE D 131 -24.29 -6.93 -1.39
C PHE D 131 -24.19 -8.19 -2.23
N ASP D 132 -25.14 -9.11 -2.06
CA ASP D 132 -25.10 -10.36 -2.80
C ASP D 132 -25.06 -10.10 -4.29
N LYS D 133 -25.79 -9.08 -4.74
CA LYS D 133 -25.86 -8.81 -6.16
C LYS D 133 -24.52 -8.28 -6.69
N VAL D 134 -23.83 -7.44 -5.91
CA VAL D 134 -22.60 -6.84 -6.41
C VAL D 134 -21.51 -7.89 -6.47
N ILE D 135 -21.33 -8.63 -5.38
CA ILE D 135 -20.34 -9.69 -5.30
C ILE D 135 -20.56 -10.70 -6.43
N HIS D 136 -21.80 -11.13 -6.62
CA HIS D 136 -22.09 -12.09 -7.69
C HIS D 136 -21.70 -11.51 -9.05
N THR D 137 -22.10 -10.27 -9.32
CA THR D 137 -21.89 -9.77 -10.69
C THR D 137 -20.45 -9.34 -10.89
N ASN D 138 -19.89 -8.61 -9.92
CA ASN D 138 -18.55 -8.03 -10.09
C ASN D 138 -17.44 -9.03 -9.73
N LEU D 139 -17.60 -9.78 -8.65
CA LEU D 139 -16.48 -10.61 -8.19
C LEU D 139 -16.54 -12.01 -8.78
N ARG D 140 -17.64 -12.73 -8.58
CA ARG D 140 -17.80 -14.01 -9.27
C ARG D 140 -17.66 -13.83 -10.77
N GLY D 141 -18.28 -12.77 -11.30
CA GLY D 141 -18.13 -12.46 -12.71
C GLY D 141 -16.68 -12.36 -13.12
N ALA D 142 -15.89 -11.59 -12.37
CA ALA D 142 -14.48 -11.47 -12.70
C ALA D 142 -13.79 -12.82 -12.58
N PHE D 143 -14.13 -13.58 -11.52
CA PHE D 143 -13.50 -14.88 -11.35
C PHE D 143 -13.75 -15.75 -12.59
N LEU D 144 -14.97 -15.70 -13.15
CA LEU D 144 -15.25 -16.56 -14.29
C LEU D 144 -14.46 -16.12 -15.51
N ILE D 145 -14.45 -14.80 -15.79
CA ILE D 145 -13.77 -14.36 -17.00
C ILE D 145 -12.28 -14.69 -16.90
N LEU D 146 -11.66 -14.26 -15.79
CA LEU D 146 -10.24 -14.58 -15.58
C LEU D 146 -9.99 -16.08 -15.70
N ALA D 147 -10.84 -16.89 -15.08
CA ALA D 147 -10.58 -18.33 -15.09
C ALA D 147 -10.62 -18.84 -16.52
N HIS D 148 -11.67 -18.46 -17.25
CA HIS D 148 -11.75 -18.93 -18.62
C HIS D 148 -10.64 -18.30 -19.46
N ALA D 149 -10.23 -17.06 -19.15
CA ALA D 149 -9.15 -16.46 -19.91
C ALA D 149 -7.85 -17.22 -19.67
N ALA D 150 -7.64 -17.70 -18.44
CA ALA D 150 -6.43 -18.46 -18.15
C ALA D 150 -6.39 -19.76 -18.95
N GLU D 151 -7.55 -20.29 -19.34
CA GLU D 151 -7.57 -21.53 -20.10
C GLU D 151 -7.53 -21.33 -21.60
N THR D 152 -7.63 -20.10 -22.08
CA THR D 152 -7.90 -19.82 -23.48
C THR D 152 -6.83 -18.98 -24.14
N VAL D 153 -6.27 -18.03 -23.40
CA VAL D 153 -5.30 -17.08 -23.94
C VAL D 153 -4.03 -17.82 -24.31
N PRO D 154 -3.39 -17.51 -25.43
CA PRO D 154 -2.14 -18.18 -25.81
C PRO D 154 -0.95 -17.58 -25.06
N ASP D 155 0.18 -18.29 -25.15
CA ASP D 155 1.43 -17.71 -24.69
C ASP D 155 1.64 -16.37 -25.38
N GLY D 156 2.09 -15.38 -24.61
CA GLY D 156 2.18 -14.03 -25.11
C GLY D 156 0.90 -13.22 -25.00
N GLY D 157 -0.19 -13.81 -24.54
CA GLY D 157 -1.44 -13.09 -24.43
C GLY D 157 -1.45 -12.12 -23.27
N ARG D 158 -2.57 -11.39 -23.16
CA ARG D 158 -2.73 -10.34 -22.14
C ARG D 158 -4.12 -10.44 -21.54
N ILE D 159 -4.20 -10.32 -20.21
CA ILE D 159 -5.47 -10.34 -19.48
C ILE D 159 -5.53 -9.09 -18.60
N ILE D 160 -6.62 -8.33 -18.73
CA ILE D 160 -6.75 -6.99 -18.13
C ILE D 160 -8.12 -6.88 -17.49
N ALA D 161 -8.16 -6.60 -16.20
CA ALA D 161 -9.43 -6.39 -15.52
C ALA D 161 -9.60 -4.91 -15.20
N LEU D 162 -10.86 -4.47 -15.11
CA LEU D 162 -11.18 -3.12 -14.70
C LEU D 162 -11.46 -3.14 -13.20
N SER D 163 -10.73 -2.34 -12.45
CA SER D 163 -10.99 -2.16 -11.03
C SER D 163 -11.59 -0.78 -10.80
N THR D 164 -11.27 -0.13 -9.69
CA THR D 164 -11.75 1.22 -9.44
C THR D 164 -10.76 1.98 -8.56
N SER D 165 -10.61 3.28 -8.83
CA SER D 165 -9.79 4.12 -7.96
C SER D 165 -10.42 4.37 -6.60
N VAL D 166 -11.76 4.28 -6.52
CA VAL D 166 -12.46 4.64 -5.30
C VAL D 166 -12.10 3.74 -4.12
N ILE D 167 -11.38 2.63 -4.35
CA ILE D 167 -10.90 1.83 -3.23
C ILE D 167 -10.14 2.71 -2.25
N ALA D 168 -9.34 3.65 -2.79
CA ALA D 168 -8.52 4.51 -1.93
C ALA D 168 -9.37 5.34 -0.98
N LYS D 169 -10.60 5.68 -1.35
CA LYS D 169 -11.38 6.66 -0.60
C LYS D 169 -12.34 6.04 0.42
N SER D 170 -12.73 4.78 0.23
CA SER D 170 -13.57 4.07 1.22
C SER D 170 -14.81 4.88 1.59
N PHE D 171 -15.44 5.48 0.59
CA PHE D 171 -16.60 6.34 0.81
C PHE D 171 -17.76 5.52 1.40
N PRO D 172 -18.57 6.12 2.28
CA PRO D 172 -19.80 5.46 2.71
C PRO D 172 -20.69 5.09 1.51
N ALA D 173 -21.37 3.96 1.66
CA ALA D 173 -22.26 3.29 0.71
C ALA D 173 -21.48 2.56 -0.39
N TYR D 174 -20.15 2.70 -0.47
CA TYR D 174 -19.35 2.01 -1.48
C TYR D 174 -18.79 0.68 -0.99
N GLY D 175 -19.19 0.22 0.20
CA GLY D 175 -18.66 -1.00 0.78
C GLY D 175 -18.75 -2.24 -0.12
N PRO D 176 -19.95 -2.59 -0.57
CA PRO D 176 -20.08 -3.76 -1.45
C PRO D 176 -19.27 -3.63 -2.73
N TYR D 177 -19.31 -2.45 -3.36
CA TYR D 177 -18.58 -2.24 -4.59
C TYR D 177 -17.07 -2.35 -4.39
N ILE D 178 -16.56 -1.66 -3.37
CA ILE D 178 -15.13 -1.71 -3.10
C ILE D 178 -14.70 -3.13 -2.76
N ALA D 179 -15.51 -3.83 -1.95
CA ALA D 179 -15.17 -5.21 -1.60
C ALA D 179 -15.03 -6.06 -2.86
N SER D 180 -16.01 -5.99 -3.75
CA SER D 180 -15.94 -6.75 -5.01
C SER D 180 -14.70 -6.39 -5.83
N LYS D 181 -14.36 -5.11 -5.92
CA LYS D 181 -13.24 -4.75 -6.79
C LYS D 181 -11.87 -5.03 -6.15
N ALA D 182 -11.76 -4.90 -4.83
CA ALA D 182 -10.55 -5.35 -4.13
C ALA D 182 -10.36 -6.85 -4.34
N GLY D 183 -11.46 -7.61 -4.34
CA GLY D 183 -11.36 -9.02 -4.66
C GLY D 183 -10.82 -9.25 -6.05
N VAL D 184 -11.36 -8.52 -7.04
CA VAL D 184 -10.84 -8.59 -8.40
C VAL D 184 -9.32 -8.39 -8.42
N GLU D 185 -8.84 -7.36 -7.72
CA GLU D 185 -7.41 -7.08 -7.72
C GLU D 185 -6.61 -8.24 -7.13
N GLY D 186 -7.10 -8.83 -6.03
CA GLY D 186 -6.41 -9.99 -5.47
C GLY D 186 -6.29 -11.14 -6.46
N LEU D 187 -7.39 -11.43 -7.16
CA LEU D 187 -7.34 -12.44 -8.23
C LEU D 187 -6.33 -12.09 -9.30
N VAL D 188 -6.26 -10.82 -9.69
CA VAL D 188 -5.33 -10.42 -10.75
C VAL D 188 -3.90 -10.78 -10.36
N HIS D 189 -3.51 -10.39 -9.13
CA HIS D 189 -2.15 -10.67 -8.67
C HIS D 189 -1.88 -12.16 -8.57
N VAL D 190 -2.85 -12.95 -8.11
CA VAL D 190 -2.61 -14.39 -7.99
C VAL D 190 -2.51 -15.03 -9.37
N LEU D 191 -3.40 -14.65 -10.29
CA LEU D 191 -3.37 -15.24 -11.62
C LEU D 191 -2.04 -14.95 -12.31
N ALA D 192 -1.47 -13.76 -12.07
CA ALA D 192 -0.17 -13.46 -12.67
C ALA D 192 0.89 -14.48 -12.25
N ASN D 193 0.86 -14.92 -11.00
CA ASN D 193 1.81 -15.94 -10.55
C ASN D 193 1.43 -17.32 -11.04
N GLU D 194 0.14 -17.63 -11.13
CA GLU D 194 -0.27 -18.95 -11.59
C GLU D 194 0.04 -19.18 -13.08
N LEU D 195 0.15 -18.11 -13.86
CA LEU D 195 0.45 -18.23 -15.28
C LEU D 195 1.96 -18.18 -15.57
N ARG D 196 2.79 -18.33 -14.53
CA ARG D 196 4.23 -18.44 -14.72
C ARG D 196 4.54 -19.51 -15.76
N GLY D 197 5.50 -19.22 -16.64
CA GLY D 197 5.85 -20.14 -17.69
C GLY D 197 5.07 -19.98 -18.97
N ARG D 198 4.01 -19.18 -18.99
CA ARG D 198 3.18 -19.00 -20.17
C ARG D 198 3.38 -17.66 -20.85
N ASN D 199 4.17 -16.75 -20.27
CA ASN D 199 4.35 -15.40 -20.82
C ASN D 199 3.00 -14.71 -21.05
N ILE D 200 2.18 -14.66 -20.01
CA ILE D 200 0.89 -13.96 -20.06
C ILE D 200 0.89 -12.93 -18.94
N THR D 201 0.71 -11.66 -19.29
CA THR D 201 0.58 -10.65 -18.26
C THR D 201 -0.86 -10.55 -17.79
N VAL D 202 -1.03 -10.29 -16.51
CA VAL D 202 -2.33 -10.02 -15.92
C VAL D 202 -2.21 -8.70 -15.17
N ASN D 203 -3.11 -7.77 -15.46
CA ASN D 203 -3.06 -6.45 -14.86
C ASN D 203 -4.47 -5.91 -14.68
N ALA D 204 -4.56 -4.78 -14.00
CA ALA D 204 -5.84 -4.11 -13.82
C ALA D 204 -5.67 -2.61 -14.05
N VAL D 205 -6.72 -2.00 -14.57
CA VAL D 205 -6.78 -0.54 -14.71
C VAL D 205 -7.90 -0.06 -13.81
N ALA D 206 -7.60 0.94 -12.97
CA ALA D 206 -8.53 1.40 -11.93
C ALA D 206 -8.91 2.85 -12.20
N PRO D 207 -9.96 3.10 -12.96
CA PRO D 207 -10.32 4.49 -13.29
C PRO D 207 -11.06 5.17 -12.15
N GLY D 208 -11.00 6.52 -12.17
CA GLY D 208 -11.91 7.31 -11.38
C GLY D 208 -13.20 7.51 -12.18
N PRO D 209 -14.05 8.43 -11.76
CA PRO D 209 -15.24 8.75 -12.56
C PRO D 209 -14.85 9.28 -13.94
N THR D 210 -15.74 9.06 -14.91
CA THR D 210 -15.43 9.32 -16.30
C THR D 210 -16.65 9.91 -17.02
N GLY D 211 -16.40 10.76 -18.02
CA GLY D 211 -17.46 11.51 -18.67
C GLY D 211 -18.28 10.73 -19.69
N THR D 212 -18.96 9.68 -19.23
CA THR D 212 -19.84 8.90 -20.10
C THR D 212 -21.18 9.59 -20.25
N ASP D 213 -21.96 9.12 -21.23
CA ASP D 213 -23.33 9.64 -21.40
C ASP D 213 -24.11 9.49 -20.10
N LEU D 214 -24.01 8.32 -19.46
CA LEU D 214 -24.73 8.09 -18.21
C LEU D 214 -24.25 9.02 -17.11
N PHE D 215 -22.94 9.25 -17.03
CA PHE D 215 -22.40 10.19 -16.05
C PHE D 215 -23.03 11.57 -16.21
N TYR D 216 -23.02 12.11 -17.43
CA TYR D 216 -23.55 13.45 -17.69
C TYR D 216 -25.07 13.51 -17.56
N ASN D 217 -25.77 12.38 -17.68
CA ASN D 217 -27.23 12.40 -17.68
C ASN D 217 -27.79 12.93 -16.36
N GLY D 218 -27.25 12.48 -15.24
CA GLY D 218 -27.83 12.87 -13.95
C GLY D 218 -27.24 14.12 -13.31
N LYS D 219 -26.71 15.04 -14.10
CA LYS D 219 -25.95 16.15 -13.55
C LYS D 219 -26.22 17.45 -14.30
N THR D 220 -26.31 18.55 -13.55
CA THR D 220 -26.35 19.90 -14.10
C THR D 220 -24.94 20.41 -14.36
N ASP D 221 -24.85 21.58 -14.98
CA ASP D 221 -23.55 22.20 -15.20
C ASP D 221 -22.76 22.31 -13.90
N GLU D 222 -23.46 22.65 -12.81
CA GLU D 222 -22.80 22.93 -11.54
C GLU D 222 -22.24 21.65 -10.90
N GLN D 223 -22.97 20.55 -10.98
CA GLN D 223 -22.49 19.30 -10.40
C GLN D 223 -21.27 18.78 -11.15
N VAL D 224 -21.31 18.85 -12.48
CA VAL D 224 -20.14 18.44 -13.26
C VAL D 224 -18.96 19.35 -12.95
N ALA D 225 -19.21 20.66 -12.77
CA ALA D 225 -18.13 21.56 -12.40
C ALA D 225 -17.53 21.17 -11.05
N ALA D 226 -18.37 20.78 -10.09
CA ALA D 226 -17.87 20.36 -8.78
C ALA D 226 -17.01 19.09 -8.89
N ILE D 227 -17.37 18.17 -9.79
CA ILE D 227 -16.54 16.97 -9.97
C ILE D 227 -15.25 17.30 -10.72
N ALA D 228 -15.35 18.17 -11.74
CA ALA D 228 -14.20 18.55 -12.55
C ALA D 228 -13.11 19.24 -11.75
N LYS D 229 -13.47 19.82 -10.59
CA LYS D 229 -12.49 20.49 -9.72
C LYS D 229 -11.66 19.50 -8.90
N LEU D 230 -12.09 18.24 -8.80
CA LEU D 230 -11.51 17.33 -7.83
C LEU D 230 -10.08 16.95 -8.19
N ALA D 231 -9.86 16.54 -9.43
CA ALA D 231 -8.50 16.16 -9.83
C ALA D 231 -7.60 17.40 -9.89
N PRO D 232 -6.31 17.27 -9.56
CA PRO D 232 -5.39 18.40 -9.77
C PRO D 232 -5.39 18.90 -11.20
N LEU D 233 -5.67 18.03 -12.17
CA LEU D 233 -5.79 18.44 -13.57
C LEU D 233 -7.06 19.25 -13.83
N GLU D 234 -8.04 19.21 -12.92
CA GLU D 234 -9.19 20.12 -12.95
C GLU D 234 -9.98 20.03 -14.27
N ARG D 235 -10.29 18.81 -14.67
CA ARG D 235 -11.27 18.56 -15.74
C ARG D 235 -11.90 17.20 -15.47
N ILE D 236 -12.85 16.80 -16.33
CA ILE D 236 -13.49 15.49 -16.23
C ILE D 236 -12.69 14.51 -17.06
N GLY D 237 -12.41 13.32 -16.52
CA GLY D 237 -11.73 12.29 -17.31
C GLY D 237 -12.64 11.71 -18.38
N THR D 238 -12.03 11.27 -19.48
CA THR D 238 -12.83 10.70 -20.55
C THR D 238 -12.62 9.20 -20.66
N PRO D 239 -13.60 8.46 -21.22
CA PRO D 239 -13.41 7.01 -21.38
C PRO D 239 -12.25 6.66 -22.30
N ASP D 240 -12.02 7.46 -23.35
CA ASP D 240 -10.84 7.25 -24.18
C ASP D 240 -9.55 7.33 -23.36
N GLU D 241 -9.51 8.19 -22.35
CA GLU D 241 -8.29 8.32 -21.55
C GLU D 241 -8.03 7.07 -20.70
N ILE D 242 -9.08 6.35 -20.29
CA ILE D 242 -8.91 5.03 -19.67
C ILE D 242 -8.47 4.00 -20.71
N ALA D 243 -9.20 3.95 -21.84
CA ALA D 243 -8.94 2.97 -22.88
C ALA D 243 -7.51 3.03 -23.38
N GLY D 244 -6.88 4.22 -23.37
CA GLY D 244 -5.49 4.30 -23.83
C GLY D 244 -4.52 3.56 -22.92
N VAL D 245 -4.77 3.55 -21.61
CA VAL D 245 -3.92 2.78 -20.72
C VAL D 245 -4.16 1.28 -20.93
N VAL D 246 -5.43 0.88 -21.07
CA VAL D 246 -5.72 -0.52 -21.46
C VAL D 246 -4.99 -0.89 -22.75
N ALA D 247 -4.98 0.03 -23.73
CA ALA D 247 -4.29 -0.23 -24.98
C ALA D 247 -2.80 -0.41 -24.77
N MET D 248 -2.20 0.41 -23.91
CA MET D 248 -0.80 0.21 -23.60
C MET D 248 -0.57 -1.20 -23.07
N LEU D 249 -1.38 -1.62 -22.11
CA LEU D 249 -1.21 -2.95 -21.51
C LEU D 249 -1.39 -4.07 -22.53
N ALA D 250 -2.28 -3.88 -23.50
CA ALA D 250 -2.54 -4.93 -24.48
C ALA D 250 -1.49 -4.99 -25.59
N GLY D 251 -0.61 -4.00 -25.70
CA GLY D 251 0.27 -3.90 -26.84
C GLY D 251 1.75 -4.00 -26.53
N PRO D 252 2.60 -3.66 -27.51
CA PRO D 252 4.06 -3.79 -27.31
C PRO D 252 4.59 -3.07 -26.10
N ASP D 253 4.04 -1.91 -25.76
CA ASP D 253 4.64 -1.12 -24.70
C ASP D 253 4.36 -1.69 -23.32
N GLY D 254 3.41 -2.61 -23.18
CA GLY D 254 3.09 -3.20 -21.90
C GLY D 254 3.71 -4.56 -21.63
N ARG D 255 4.66 -4.99 -22.46
CA ARG D 255 5.20 -6.35 -22.39
C ARG D 255 5.76 -6.69 -21.02
N TRP D 256 6.36 -5.72 -20.33
CA TRP D 256 6.99 -5.98 -19.03
C TRP D 256 6.17 -5.46 -17.85
N VAL D 257 4.96 -4.95 -18.08
CA VAL D 257 4.06 -4.60 -16.99
C VAL D 257 3.26 -5.83 -16.66
N ASN D 258 3.37 -6.29 -15.41
CA ASN D 258 2.74 -7.55 -15.02
C ASN D 258 2.40 -7.48 -13.55
N SER D 259 1.17 -7.89 -13.22
CA SER D 259 0.67 -7.92 -11.86
C SER D 259 0.54 -6.52 -11.27
N GLN D 260 0.19 -5.55 -12.11
CA GLN D 260 0.08 -4.16 -11.70
C GLN D 260 -1.38 -3.70 -11.76
N VAL D 261 -1.77 -2.85 -10.81
CA VAL D 261 -3.03 -2.11 -10.83
C VAL D 261 -2.68 -0.66 -11.13
N ILE D 262 -3.00 -0.19 -12.33
CA ILE D 262 -2.69 1.19 -12.72
C ILE D 262 -3.92 2.05 -12.48
N ARG D 263 -3.79 3.03 -11.58
CA ARG D 263 -4.86 3.96 -11.30
C ARG D 263 -4.84 5.09 -12.32
N VAL D 264 -5.95 5.30 -12.99
CA VAL D 264 -6.08 6.32 -14.01
C VAL D 264 -7.20 7.25 -13.55
N ASN D 265 -6.82 8.35 -12.91
CA ASN D 265 -7.83 9.18 -12.25
C ASN D 265 -7.44 10.66 -12.25
N GLY D 266 -6.48 11.08 -13.08
CA GLY D 266 -6.10 12.47 -13.12
C GLY D 266 -5.44 12.99 -11.86
N GLY D 267 -5.03 12.12 -10.95
CA GLY D 267 -4.38 12.54 -9.73
C GLY D 267 -5.28 12.64 -8.51
N PHE D 268 -6.56 12.32 -8.65
CA PHE D 268 -7.51 12.32 -7.53
C PHE D 268 -8.04 10.91 -7.29
#